data_5C37
#
_entry.id   5C37
#
_cell.length_a   94.080
_cell.length_b   80.520
_cell.length_c   96.530
_cell.angle_alpha   90.00
_cell.angle_beta   116.90
_cell.angle_gamma   90.00
#
_symmetry.space_group_name_H-M   'P 1 21 1'
#
loop_
_entity.id
_entity.type
_entity.pdbx_description
1 polymer 'Fatty acid synthase'
2 non-polymer 'NADPH DIHYDRO-NICOTINAMIDE-ADENINE-DINUCLEOTIDE PHOSPHATE'
3 non-polymer 6-{[(3R)-1-(cyclopropylcarbonyl)pyrrolidin-3-yl]methyl}-5-[4-(1-methyl-1H-indazol-5-yl)phenyl]-4,6-diazaspiro[2.4]hept-4-en-7-one
4 non-polymer 'CHLORIDE ION'
5 non-polymer GLYCEROL
6 water water
#
_entity_poly.entity_id   1
_entity_poly.type   'polypeptide(L)'
_entity_poly.pdbx_seq_one_letter_code
;EQQVPILEKFCFTPHTEEGCLSERAALQEELQLCKGLVQALQTKVTQQGLKMVVPGLDGAQIPRDPSQQELPRLLSAACR
LQLNGNLQLELAQVLAQERPKLPEDPLLSGLLDSPALKACLDTAVENMPSLKMKVVEVLAGHGHLYSRIPGLLSPHPLLQ
LSYTATDRHPQALEAAQAELQQHDVAQGQWDPADPAPSALGSADLLVCNCAVAALGDPASALSNMVAALREGGFLLLHTL
LRGHPLGDIVAFLTSTEPQYGQGILSQDAWESLFSRVSLRLVGLKKSFYGSTLFLCRRPTPQDSPIFLPVDDTSFRWVES
LKGILADEDSSRPVWLKAINCATSGVVGLVNCLRREPGGNRLRCVLLSNLSSTSHVPEVDPGSAELQKVLQGDLVMNVYR
DGAWGAFRHFLLEEDKGGSKTGCPAHKSYIIAGGLGGFGLELAQWLIQRGVQKLVLTSRSGIRTGYQAKQVRRWRRQGVQ
VQVSTSNISSLEGARGLIAEAAQLGPVGGVFNLAVVLRDGLLENQTPEFFQDVCKPKYSGTLNLDRVTREACPELDYFVV
FSSVSCGRGNAGQSNYGFANSAMERICEKRRHEGLPGLAVQWGAIGDVGILVETMSTNDTIVSGTLPQRMASCLEVLDLF
LNQPHMVLSSFVLAEKAAAYRDRD
;
_entity_poly.pdbx_strand_id   A,C
#
# COMPACT_ATOMS: atom_id res chain seq x y z
N GLU A 1 -0.48 -39.06 -5.00
CA GLU A 1 0.62 -38.51 -4.23
C GLU A 1 0.19 -37.27 -3.44
N GLN A 2 0.19 -36.13 -4.11
CA GLN A 2 -0.04 -34.85 -3.45
C GLN A 2 -1.52 -34.58 -3.15
N GLN A 3 -1.78 -34.03 -1.97
CA GLN A 3 -3.11 -33.53 -1.63
C GLN A 3 -3.46 -32.33 -2.49
N VAL A 4 -4.76 -32.15 -2.74
CA VAL A 4 -5.23 -30.97 -3.47
C VAL A 4 -6.21 -30.19 -2.60
N PRO A 5 -5.70 -29.19 -1.86
CA PRO A 5 -6.59 -28.42 -0.99
C PRO A 5 -7.48 -27.44 -1.74
N ILE A 6 -8.60 -27.06 -1.12
CA ILE A 6 -9.46 -26.02 -1.67
C ILE A 6 -9.03 -24.68 -1.08
N LEU A 7 -8.73 -23.74 -1.97
CA LEU A 7 -8.18 -22.45 -1.57
C LEU A 7 -9.17 -21.34 -1.90
N GLU A 8 -9.42 -20.49 -0.91
CA GLU A 8 -10.46 -19.47 -1.01
C GLU A 8 -10.04 -18.16 -0.35
N LYS A 9 -10.64 -17.07 -0.81
CA LYS A 9 -10.46 -15.77 -0.18
C LYS A 9 -11.73 -15.39 0.56
N PHE A 10 -11.55 -14.74 1.72
CA PHE A 10 -12.66 -14.38 2.60
C PHE A 10 -12.87 -12.88 2.56
N CYS A 11 -13.89 -12.44 1.82
CA CYS A 11 -14.09 -11.03 1.51
C CYS A 11 -15.42 -10.49 2.02
N PHE A 12 -15.42 -9.25 2.50
CA PHE A 12 -16.68 -8.58 2.81
C PHE A 12 -17.44 -8.37 1.51
N THR A 13 -18.71 -8.79 1.49
CA THR A 13 -19.50 -8.78 0.28
C THR A 13 -20.82 -8.04 0.50
N PRO A 14 -20.99 -6.87 -0.16
CA PRO A 14 -22.25 -6.13 -0.03
C PRO A 14 -23.45 -6.95 -0.48
N HIS A 15 -24.58 -6.79 0.21
CA HIS A 15 -25.81 -7.45 -0.17
C HIS A 15 -26.18 -7.06 -1.60
N THR A 16 -26.07 -5.77 -1.88
CA THR A 16 -26.39 -5.22 -3.20
C THR A 16 -25.11 -4.90 -3.98
N GLU A 17 -24.95 -5.55 -5.11
CA GLU A 17 -23.85 -5.28 -6.02
C GLU A 17 -24.40 -4.96 -7.40
N GLU A 18 -23.94 -3.86 -7.99
CA GLU A 18 -24.36 -3.45 -9.32
C GLU A 18 -23.15 -3.20 -10.22
N GLY A 19 -23.37 -3.26 -11.53
CA GLY A 19 -22.31 -3.06 -12.49
C GLY A 19 -21.41 -4.29 -12.63
N CYS A 20 -21.81 -5.38 -11.99
CA CYS A 20 -21.04 -6.62 -11.99
C CYS A 20 -20.64 -7.05 -13.39
N LEU A 21 -19.52 -7.77 -13.48
CA LEU A 21 -19.00 -8.34 -14.72
C LEU A 21 -18.57 -7.28 -15.74
N SER A 22 -18.49 -6.03 -15.30
CA SER A 22 -18.09 -4.94 -16.18
C SER A 22 -16.65 -5.10 -16.64
N GLU A 23 -15.88 -5.91 -15.91
CA GLU A 23 -14.47 -6.10 -16.24
C GLU A 23 -14.25 -7.24 -17.25
N ARG A 24 -15.32 -7.95 -17.59
CA ARG A 24 -15.22 -9.04 -18.55
C ARG A 24 -15.38 -8.53 -19.99
N ALA A 25 -14.24 -8.31 -20.65
CA ALA A 25 -14.22 -7.74 -21.99
C ALA A 25 -14.89 -8.65 -23.01
N ALA A 26 -14.83 -9.95 -22.79
CA ALA A 26 -15.47 -10.91 -23.69
C ALA A 26 -16.99 -10.71 -23.67
N LEU A 27 -17.51 -10.28 -22.53
CA LEU A 27 -18.95 -10.00 -22.39
C LEU A 27 -19.28 -8.63 -22.96
N GLN A 28 -18.40 -7.66 -22.71
CA GLN A 28 -18.57 -6.31 -23.26
C GLN A 28 -18.65 -6.36 -24.79
N GLU A 29 -17.71 -7.07 -25.39
CA GLU A 29 -17.64 -7.21 -26.85
C GLU A 29 -18.88 -7.91 -27.41
N GLU A 30 -19.29 -8.99 -26.76
CA GLU A 30 -20.46 -9.74 -27.19
C GLU A 30 -21.71 -8.86 -27.12
N LEU A 31 -21.83 -8.09 -26.05
CA LEU A 31 -22.97 -7.20 -25.86
C LEU A 31 -23.03 -6.17 -26.98
N GLN A 32 -21.86 -5.64 -27.34
CA GLN A 32 -21.76 -4.67 -28.45
C GLN A 32 -22.27 -5.29 -29.75
N LEU A 33 -21.82 -6.51 -30.03
CA LEU A 33 -22.24 -7.21 -31.24
C LEU A 33 -23.75 -7.40 -31.28
N CYS A 34 -24.32 -7.85 -30.16
CA CYS A 34 -25.76 -8.09 -30.08
C CYS A 34 -26.53 -6.79 -30.29
N LYS A 35 -26.06 -5.72 -29.66
CA LYS A 35 -26.64 -4.39 -29.84
C LYS A 35 -26.66 -3.99 -31.31
N GLY A 36 -25.63 -4.41 -32.04
CA GLY A 36 -25.55 -4.11 -33.46
C GLY A 36 -26.54 -4.92 -34.28
N LEU A 37 -26.67 -6.19 -33.94
CA LEU A 37 -27.52 -7.11 -34.70
C LEU A 37 -29.01 -6.80 -34.55
N VAL A 38 -29.37 -6.11 -33.47
CA VAL A 38 -30.77 -5.71 -33.27
C VAL A 38 -31.05 -4.36 -33.93
N GLN A 39 -30.06 -3.47 -33.90
CA GLN A 39 -30.17 -2.20 -34.60
C GLN A 39 -30.21 -2.45 -36.11
N ALA A 40 -29.61 -3.55 -36.53
CA ALA A 40 -29.67 -3.97 -37.92
C ALA A 40 -31.06 -4.52 -38.23
N LEU A 41 -31.57 -5.37 -37.34
CA LEU A 41 -32.84 -6.04 -37.58
C LEU A 41 -34.02 -5.08 -37.58
N GLN A 42 -34.11 -4.24 -36.55
CA GLN A 42 -35.23 -3.32 -36.41
C GLN A 42 -35.35 -2.36 -37.58
N THR A 43 -34.23 -1.74 -37.96
CA THR A 43 -34.22 -0.79 -39.07
C THR A 43 -34.40 -1.50 -40.41
N LYS A 44 -33.80 -2.69 -40.51
CA LYS A 44 -33.75 -3.41 -41.78
C LYS A 44 -32.96 -2.59 -42.80
N ALA A 60 -16.32 -25.46 -37.16
CA ALA A 60 -15.90 -24.41 -36.22
C ALA A 60 -15.58 -25.01 -34.86
N GLN A 61 -14.55 -24.47 -34.21
CA GLN A 61 -14.09 -24.98 -32.92
C GLN A 61 -14.86 -24.35 -31.76
N ILE A 62 -14.40 -24.60 -30.54
CA ILE A 62 -15.04 -24.03 -29.35
C ILE A 62 -15.15 -22.52 -29.51
N PRO A 63 -16.36 -21.96 -29.34
CA PRO A 63 -16.58 -20.52 -29.57
C PRO A 63 -15.66 -19.62 -28.74
N ARG A 64 -14.62 -19.10 -29.38
CA ARG A 64 -13.62 -18.28 -28.71
C ARG A 64 -13.94 -16.80 -28.83
N ASP A 65 -14.25 -16.36 -30.05
CA ASP A 65 -14.57 -14.97 -30.29
C ASP A 65 -16.04 -14.68 -29.97
N PRO A 66 -16.34 -13.54 -29.33
CA PRO A 66 -17.71 -13.20 -28.91
C PRO A 66 -18.80 -13.39 -29.97
N SER A 67 -18.43 -13.51 -31.25
CA SER A 67 -19.41 -13.64 -32.33
C SER A 67 -19.83 -15.09 -32.56
N GLN A 68 -19.14 -16.03 -31.94
CA GLN A 68 -19.41 -17.45 -32.12
C GLN A 68 -20.28 -18.01 -31.01
N GLN A 69 -20.71 -17.14 -30.09
CA GLN A 69 -21.52 -17.55 -28.96
C GLN A 69 -22.97 -17.76 -29.38
N GLU A 70 -23.77 -18.32 -28.47
CA GLU A 70 -25.13 -18.77 -28.79
C GLU A 70 -26.07 -17.63 -29.21
N LEU A 71 -26.13 -16.58 -28.41
CA LEU A 71 -27.09 -15.50 -28.69
C LEU A 71 -26.71 -14.70 -29.94
N PRO A 72 -25.42 -14.37 -30.11
CA PRO A 72 -25.02 -13.74 -31.37
C PRO A 72 -25.33 -14.63 -32.58
N ARG A 73 -25.15 -15.93 -32.42
CA ARG A 73 -25.47 -16.88 -33.47
C ARG A 73 -26.94 -16.82 -33.84
N LEU A 74 -27.81 -16.83 -32.83
CA LEU A 74 -29.25 -16.75 -33.05
C LEU A 74 -29.63 -15.46 -33.78
N LEU A 75 -29.09 -14.34 -33.29
CA LEU A 75 -29.38 -13.04 -33.89
C LEU A 75 -28.96 -12.97 -35.36
N SER A 76 -27.77 -13.48 -35.65
CA SER A 76 -27.28 -13.49 -37.04
C SER A 76 -28.18 -14.35 -37.91
N ALA A 77 -28.66 -15.45 -37.35
CA ALA A 77 -29.57 -16.34 -38.07
C ALA A 77 -30.94 -15.69 -38.27
N ALA A 78 -31.22 -14.65 -37.47
CA ALA A 78 -32.46 -13.90 -37.61
C ALA A 78 -32.29 -12.77 -38.63
N CYS A 79 -31.04 -12.40 -38.88
CA CYS A 79 -30.71 -11.46 -39.94
C CYS A 79 -30.78 -12.19 -41.28
N ARG A 80 -30.28 -13.43 -41.28
CA ARG A 80 -30.35 -14.29 -42.46
C ARG A 80 -31.79 -14.38 -42.93
N LEU A 81 -32.69 -14.76 -42.02
CA LEU A 81 -34.10 -14.82 -42.36
C LEU A 81 -34.60 -13.45 -42.81
N GLN A 82 -34.22 -12.42 -42.06
CA GLN A 82 -34.63 -11.05 -42.37
C GLN A 82 -34.33 -10.67 -43.83
N LEU A 83 -33.33 -11.33 -44.42
CA LEU A 83 -32.99 -11.05 -45.82
C LEU A 83 -34.07 -11.54 -46.78
N ASN A 84 -34.42 -12.83 -46.68
CA ASN A 84 -35.32 -13.46 -47.64
C ASN A 84 -36.41 -14.31 -46.99
N GLY A 85 -36.01 -15.45 -46.43
CA GLY A 85 -36.96 -16.44 -45.91
C GLY A 85 -37.96 -15.92 -44.91
N ASN A 86 -37.70 -14.74 -44.35
CA ASN A 86 -38.61 -14.06 -43.43
C ASN A 86 -38.61 -14.67 -42.03
N LEU A 87 -38.08 -13.93 -41.07
CA LEU A 87 -38.02 -14.40 -39.70
C LEU A 87 -39.43 -14.49 -39.12
N GLN A 88 -40.30 -13.58 -39.53
CA GLN A 88 -41.67 -13.53 -39.02
C GLN A 88 -42.39 -14.87 -39.18
N LEU A 89 -41.91 -15.70 -40.11
CA LEU A 89 -42.53 -16.99 -40.40
C LEU A 89 -41.73 -18.15 -39.82
N GLU A 90 -40.40 -18.05 -39.83
CA GLU A 90 -39.54 -19.16 -39.40
C GLU A 90 -39.04 -19.04 -37.96
N LEU A 91 -39.36 -17.95 -37.28
CA LEU A 91 -38.82 -17.67 -35.95
C LEU A 91 -39.25 -18.70 -34.91
N ALA A 92 -40.47 -19.21 -35.05
CA ALA A 92 -41.03 -20.15 -34.09
C ALA A 92 -40.23 -21.46 -34.06
N GLN A 93 -39.66 -21.82 -35.20
CA GLN A 93 -38.94 -23.09 -35.34
C GLN A 93 -37.46 -22.95 -35.01
N VAL A 94 -36.91 -21.76 -35.26
CA VAL A 94 -35.51 -21.50 -34.96
C VAL A 94 -35.34 -21.22 -33.48
N LEU A 95 -36.24 -20.40 -32.93
CA LEU A 95 -36.22 -20.07 -31.52
C LEU A 95 -36.49 -21.31 -30.68
N ALA A 96 -37.51 -22.06 -31.05
CA ALA A 96 -37.83 -23.30 -30.36
C ALA A 96 -36.70 -24.31 -30.50
N GLN A 97 -35.95 -24.20 -31.60
CA GLN A 97 -34.84 -25.12 -31.86
C GLN A 97 -33.66 -24.87 -30.94
N GLU A 98 -33.15 -23.64 -30.95
CA GLU A 98 -31.93 -23.29 -30.22
C GLU A 98 -32.21 -22.85 -28.78
N ARG A 99 -33.48 -22.94 -28.38
CA ARG A 99 -33.90 -22.52 -27.05
C ARG A 99 -33.12 -23.19 -25.91
N PRO A 100 -33.10 -24.53 -25.88
CA PRO A 100 -32.47 -25.23 -24.74
C PRO A 100 -30.95 -25.06 -24.69
N LYS A 101 -30.36 -24.43 -25.71
CA LYS A 101 -28.92 -24.20 -25.74
C LYS A 101 -28.59 -22.76 -25.36
N LEU A 102 -29.58 -21.87 -25.43
CA LEU A 102 -29.37 -20.46 -25.12
C LEU A 102 -28.94 -20.16 -23.68
N PRO A 103 -29.35 -21.00 -22.70
CA PRO A 103 -28.95 -20.67 -21.34
C PRO A 103 -27.44 -20.73 -21.11
N GLU A 104 -26.70 -21.29 -22.07
CA GLU A 104 -25.24 -21.37 -21.92
C GLU A 104 -24.54 -20.21 -22.61
N ASP A 105 -25.31 -19.31 -23.22
CA ASP A 105 -24.74 -18.07 -23.72
C ASP A 105 -23.98 -17.39 -22.58
N PRO A 106 -22.79 -16.82 -22.86
CA PRO A 106 -22.05 -16.16 -21.79
C PRO A 106 -22.83 -15.03 -21.10
N LEU A 107 -23.60 -14.27 -21.86
CA LEU A 107 -24.34 -13.14 -21.30
C LEU A 107 -25.56 -13.62 -20.51
N LEU A 108 -26.31 -14.58 -21.06
CA LEU A 108 -27.52 -15.07 -20.41
C LEU A 108 -27.22 -15.90 -19.15
N SER A 109 -25.94 -16.13 -18.87
CA SER A 109 -25.55 -16.87 -17.68
C SER A 109 -24.30 -16.32 -17.03
N GLY A 110 -24.02 -15.05 -17.30
CA GLY A 110 -22.85 -14.38 -16.75
C GLY A 110 -22.81 -14.44 -15.23
N LEU A 111 -23.92 -14.04 -14.61
CA LEU A 111 -24.00 -14.03 -13.16
C LEU A 111 -23.96 -15.44 -12.57
N LEU A 112 -24.54 -16.40 -13.29
CA LEU A 112 -24.55 -17.78 -12.83
C LEU A 112 -23.13 -18.35 -12.85
N ASP A 113 -22.32 -17.86 -13.79
CA ASP A 113 -20.94 -18.31 -13.92
C ASP A 113 -20.00 -17.55 -13.00
N SER A 114 -20.45 -16.38 -12.57
CA SER A 114 -19.66 -15.54 -11.67
C SER A 114 -19.84 -15.99 -10.22
N PRO A 115 -19.03 -15.43 -9.30
CA PRO A 115 -19.18 -15.72 -7.88
C PRO A 115 -20.47 -15.17 -7.28
N ALA A 116 -21.25 -14.43 -8.06
CA ALA A 116 -22.53 -13.90 -7.58
C ALA A 116 -23.44 -15.05 -7.13
N LEU A 117 -23.51 -16.10 -7.93
CA LEU A 117 -24.36 -17.24 -7.60
C LEU A 117 -23.93 -17.88 -6.29
N LYS A 118 -22.63 -18.11 -6.15
CA LYS A 118 -22.07 -18.72 -4.94
C LYS A 118 -22.38 -17.87 -3.72
N ALA A 119 -22.30 -16.55 -3.89
CA ALA A 119 -22.54 -15.62 -2.79
C ALA A 119 -23.97 -15.70 -2.31
N CYS A 120 -24.92 -15.88 -3.23
CA CYS A 120 -26.32 -16.01 -2.86
C CYS A 120 -26.61 -17.34 -2.19
N LEU A 121 -26.05 -18.42 -2.74
CA LEU A 121 -26.26 -19.75 -2.20
C LEU A 121 -25.70 -19.86 -0.79
N ASP A 122 -24.51 -19.30 -0.58
CA ASP A 122 -23.87 -19.34 0.73
C ASP A 122 -24.65 -18.53 1.76
N THR A 123 -25.27 -17.44 1.32
CA THR A 123 -26.12 -16.65 2.20
C THR A 123 -27.30 -17.49 2.67
N ALA A 124 -27.88 -18.25 1.75
CA ALA A 124 -29.00 -19.13 2.10
C ALA A 124 -28.56 -20.20 3.11
N VAL A 125 -27.45 -20.88 2.80
CA VAL A 125 -26.91 -21.92 3.67
C VAL A 125 -26.66 -21.36 5.08
N GLU A 126 -26.06 -20.18 5.13
CA GLU A 126 -25.71 -19.54 6.39
C GLU A 126 -26.93 -19.31 7.27
N ASN A 127 -28.07 -19.09 6.63
CA ASN A 127 -29.31 -18.79 7.36
C ASN A 127 -30.20 -20.01 7.52
N MET A 128 -29.63 -21.19 7.32
CA MET A 128 -30.31 -22.43 7.66
C MET A 128 -30.10 -22.76 9.13
N PRO A 129 -31.15 -23.29 9.80
CA PRO A 129 -31.00 -23.64 11.23
C PRO A 129 -30.18 -24.89 11.46
N SER A 130 -29.96 -25.68 10.41
CA SER A 130 -29.10 -26.86 10.49
C SER A 130 -28.37 -27.05 9.17
N LEU A 131 -27.41 -27.97 9.13
CA LEU A 131 -26.57 -28.16 7.95
C LEU A 131 -27.27 -28.99 6.88
N LYS A 132 -28.49 -28.58 6.56
CA LYS A 132 -29.30 -29.27 5.57
C LYS A 132 -30.18 -28.26 4.86
N MET A 133 -30.44 -28.50 3.57
CA MET A 133 -31.24 -27.59 2.77
C MET A 133 -32.10 -28.35 1.76
N LYS A 134 -33.42 -28.21 1.90
CA LYS A 134 -34.36 -28.73 0.92
C LYS A 134 -34.51 -27.72 -0.21
N VAL A 135 -34.16 -28.13 -1.42
CA VAL A 135 -34.15 -27.25 -2.57
C VAL A 135 -35.13 -27.70 -3.64
N VAL A 136 -35.80 -26.73 -4.25
CA VAL A 136 -36.73 -26.99 -5.35
C VAL A 136 -36.43 -26.04 -6.49
N GLU A 137 -36.18 -26.60 -7.68
CA GLU A 137 -35.96 -25.78 -8.87
C GLU A 137 -37.19 -25.76 -9.76
N VAL A 138 -37.71 -24.56 -10.00
CA VAL A 138 -38.86 -24.37 -10.88
C VAL A 138 -38.37 -24.20 -12.32
N LEU A 139 -39.05 -24.87 -13.24
CA LEU A 139 -38.72 -24.81 -14.68
C LEU A 139 -37.26 -25.16 -14.94
N ALA A 140 -36.86 -26.34 -14.50
CA ALA A 140 -35.47 -26.79 -14.61
C ALA A 140 -35.14 -27.21 -16.05
N GLY A 141 -36.18 -27.47 -16.84
CA GLY A 141 -36.01 -27.90 -18.22
C GLY A 141 -35.25 -26.89 -19.07
N HIS A 142 -35.34 -25.62 -18.69
CA HIS A 142 -34.62 -24.56 -19.38
C HIS A 142 -33.77 -23.73 -18.42
N GLY A 143 -33.97 -23.96 -17.12
CA GLY A 143 -33.20 -23.25 -16.10
C GLY A 143 -31.85 -23.89 -15.86
N HIS A 144 -31.83 -25.22 -15.77
CA HIS A 144 -30.59 -25.99 -15.67
C HIS A 144 -29.75 -25.66 -14.43
N LEU A 145 -30.38 -25.13 -13.38
CA LEU A 145 -29.65 -24.75 -12.19
C LEU A 145 -29.24 -25.98 -11.36
N TYR A 146 -29.83 -27.13 -11.68
CA TYR A 146 -29.47 -28.38 -11.03
C TYR A 146 -28.05 -28.80 -11.39
N SER A 147 -27.54 -28.30 -12.52
CA SER A 147 -26.21 -28.66 -12.99
C SER A 147 -25.13 -27.72 -12.47
N ARG A 148 -25.54 -26.76 -11.64
CA ARG A 148 -24.62 -25.77 -11.10
C ARG A 148 -24.58 -25.80 -9.57
N ILE A 149 -25.77 -25.80 -8.95
CA ILE A 149 -25.89 -25.58 -7.52
C ILE A 149 -25.27 -26.69 -6.67
N PRO A 150 -25.54 -27.97 -7.01
CA PRO A 150 -24.93 -29.04 -6.21
C PRO A 150 -23.40 -29.00 -6.22
N GLY A 151 -22.81 -28.71 -7.38
CA GLY A 151 -21.37 -28.62 -7.51
C GLY A 151 -20.80 -27.42 -6.77
N LEU A 152 -21.56 -26.33 -6.73
CA LEU A 152 -21.10 -25.12 -6.05
C LEU A 152 -21.10 -25.29 -4.53
N LEU A 153 -21.95 -26.20 -4.03
CA LEU A 153 -22.07 -26.41 -2.59
C LEU A 153 -21.41 -27.70 -2.09
N SER A 154 -20.89 -28.49 -3.02
CA SER A 154 -20.24 -29.75 -2.67
C SER A 154 -18.98 -29.57 -1.80
N PRO A 155 -18.29 -28.41 -1.91
CA PRO A 155 -17.13 -28.23 -1.01
C PRO A 155 -17.51 -28.21 0.47
N HIS A 156 -18.75 -27.84 0.78
CA HIS A 156 -19.20 -27.89 2.16
C HIS A 156 -19.17 -29.35 2.63
N PRO A 157 -18.28 -29.68 3.58
CA PRO A 157 -18.11 -31.10 3.91
C PRO A 157 -19.28 -31.76 4.63
N LEU A 158 -20.15 -30.97 5.27
CA LEU A 158 -21.23 -31.53 6.09
C LEU A 158 -22.62 -31.29 5.50
N LEU A 159 -22.76 -30.27 4.67
CA LEU A 159 -24.07 -29.89 4.13
C LEU A 159 -24.69 -31.01 3.31
N GLN A 160 -25.91 -31.41 3.69
CA GLN A 160 -26.70 -32.32 2.86
C GLN A 160 -27.79 -31.55 2.10
N LEU A 161 -27.87 -31.80 0.80
CA LEU A 161 -28.89 -31.19 -0.06
C LEU A 161 -29.98 -32.18 -0.41
N SER A 162 -31.23 -31.70 -0.38
CA SER A 162 -32.37 -32.45 -0.88
C SER A 162 -32.99 -31.69 -2.04
N TYR A 163 -32.54 -32.02 -3.25
CA TYR A 163 -32.82 -31.24 -4.45
C TYR A 163 -33.87 -31.89 -5.31
N THR A 164 -34.86 -31.11 -5.73
CA THR A 164 -35.88 -31.57 -6.67
C THR A 164 -35.96 -30.63 -7.85
N ALA A 165 -35.71 -31.16 -9.05
CA ALA A 165 -35.90 -30.42 -10.28
C ALA A 165 -37.34 -30.63 -10.77
N THR A 166 -38.05 -29.54 -10.99
CA THR A 166 -39.45 -29.62 -11.45
C THR A 166 -39.67 -28.81 -12.72
N ASP A 167 -40.71 -29.19 -13.47
CA ASP A 167 -41.11 -28.49 -14.67
C ASP A 167 -42.56 -28.81 -15.00
N ARG A 168 -43.21 -27.96 -15.78
CA ARG A 168 -44.61 -28.17 -16.13
C ARG A 168 -44.77 -29.34 -17.10
N HIS A 169 -43.92 -29.40 -18.11
CA HIS A 169 -44.00 -30.43 -19.14
C HIS A 169 -43.05 -31.58 -18.80
N PRO A 170 -43.60 -32.76 -18.43
CA PRO A 170 -42.79 -33.85 -17.88
C PRO A 170 -41.60 -34.28 -18.75
N GLN A 171 -41.65 -33.99 -20.05
CA GLN A 171 -40.59 -34.42 -20.97
C GLN A 171 -39.41 -33.44 -21.00
N ALA A 172 -39.59 -32.27 -20.40
CA ALA A 172 -38.60 -31.21 -20.46
C ALA A 172 -37.29 -31.59 -19.77
N LEU A 173 -37.34 -32.63 -18.95
CA LEU A 173 -36.17 -33.11 -18.22
C LEU A 173 -35.79 -34.52 -18.64
N GLU A 174 -36.10 -34.88 -19.87
CA GLU A 174 -35.79 -36.21 -20.39
C GLU A 174 -34.30 -36.38 -20.72
N ALA A 175 -33.74 -35.40 -21.42
CA ALA A 175 -32.35 -35.49 -21.86
C ALA A 175 -31.36 -35.34 -20.71
N ALA A 176 -31.87 -35.09 -19.50
CA ALA A 176 -31.04 -34.90 -18.33
C ALA A 176 -31.34 -35.92 -17.23
N GLN A 177 -32.06 -36.98 -17.58
CA GLN A 177 -32.39 -38.02 -16.62
C GLN A 177 -31.12 -38.63 -16.04
N ALA A 178 -30.13 -38.83 -16.89
CA ALA A 178 -28.88 -39.47 -16.50
C ALA A 178 -28.16 -38.70 -15.39
N GLU A 179 -27.79 -37.46 -15.67
CA GLU A 179 -27.08 -36.63 -14.70
C GLU A 179 -27.93 -36.40 -13.45
N LEU A 180 -29.21 -36.14 -13.64
CA LEU A 180 -30.13 -35.91 -12.52
C LEU A 180 -30.11 -37.06 -11.52
N GLN A 181 -30.42 -38.25 -12.00
CA GLN A 181 -30.48 -39.43 -11.13
C GLN A 181 -29.10 -39.74 -10.55
N GLN A 182 -28.08 -39.69 -11.41
CA GLN A 182 -26.73 -40.06 -11.02
C GLN A 182 -26.19 -39.17 -9.90
N HIS A 183 -26.70 -37.94 -9.82
CA HIS A 183 -26.27 -36.99 -8.79
C HIS A 183 -27.35 -36.77 -7.73
N ASP A 184 -28.24 -37.74 -7.59
CA ASP A 184 -29.23 -37.76 -6.51
C ASP A 184 -30.14 -36.53 -6.52
N VAL A 185 -30.56 -36.12 -7.71
CA VAL A 185 -31.54 -35.06 -7.86
C VAL A 185 -32.89 -35.67 -8.24
N ALA A 186 -33.90 -35.42 -7.42
CA ALA A 186 -35.24 -35.94 -7.67
C ALA A 186 -35.96 -35.12 -8.74
N GLN A 187 -36.97 -35.74 -9.37
CA GLN A 187 -37.73 -35.09 -10.42
C GLN A 187 -39.20 -34.97 -10.04
N GLY A 188 -39.86 -33.92 -10.52
CA GLY A 188 -41.26 -33.69 -10.24
C GLY A 188 -41.95 -32.88 -11.31
N GLN A 189 -43.28 -32.90 -11.30
CA GLN A 189 -44.07 -32.10 -12.21
C GLN A 189 -44.69 -30.93 -11.44
N TRP A 190 -44.51 -29.72 -11.97
CA TRP A 190 -45.10 -28.54 -11.35
C TRP A 190 -45.11 -27.36 -12.31
N ASP A 191 -46.32 -26.93 -12.69
CA ASP A 191 -46.50 -25.68 -13.38
C ASP A 191 -46.68 -24.59 -12.32
N PRO A 192 -45.78 -23.60 -12.27
CA PRO A 192 -45.86 -22.60 -11.21
C PRO A 192 -47.16 -21.81 -11.22
N ALA A 193 -47.91 -21.90 -12.32
CA ALA A 193 -49.24 -21.30 -12.39
C ALA A 193 -50.13 -21.88 -11.29
N ASP A 194 -50.07 -23.20 -11.13
CA ASP A 194 -50.83 -23.89 -10.10
C ASP A 194 -50.13 -23.78 -8.75
N PRO A 195 -50.79 -24.25 -7.68
CA PRO A 195 -50.09 -24.40 -6.40
C PRO A 195 -49.12 -25.57 -6.43
N ALA A 196 -48.13 -25.55 -5.55
CA ALA A 196 -47.10 -26.59 -5.54
C ALA A 196 -47.64 -27.92 -5.00
N PRO A 197 -47.16 -29.04 -5.56
CA PRO A 197 -47.44 -30.31 -4.87
C PRO A 197 -47.03 -30.19 -3.41
N SER A 198 -47.87 -30.72 -2.51
CA SER A 198 -47.62 -30.62 -1.08
C SER A 198 -46.27 -31.22 -0.69
N ALA A 199 -45.83 -32.21 -1.46
CA ALA A 199 -44.56 -32.87 -1.21
C ALA A 199 -43.39 -31.88 -1.30
N LEU A 200 -43.54 -30.86 -2.13
CA LEU A 200 -42.50 -29.85 -2.31
C LEU A 200 -42.59 -28.73 -1.27
N GLY A 201 -43.56 -28.82 -0.36
CA GLY A 201 -43.78 -27.78 0.63
C GLY A 201 -42.68 -27.71 1.69
N SER A 202 -42.69 -26.63 2.46
CA SER A 202 -41.71 -26.39 3.51
C SER A 202 -40.29 -26.43 2.97
N ALA A 203 -40.13 -25.95 1.74
CA ALA A 203 -38.81 -25.91 1.10
C ALA A 203 -37.94 -24.85 1.75
N ASP A 204 -36.63 -25.11 1.80
CA ASP A 204 -35.67 -24.17 2.35
C ASP A 204 -35.26 -23.15 1.31
N LEU A 205 -35.14 -23.61 0.06
CA LEU A 205 -34.72 -22.75 -1.04
C LEU A 205 -35.43 -23.12 -2.32
N LEU A 206 -36.07 -22.13 -2.95
CA LEU A 206 -36.62 -22.29 -4.29
C LEU A 206 -35.81 -21.47 -5.27
N VAL A 207 -35.33 -22.12 -6.33
CA VAL A 207 -34.52 -21.46 -7.34
C VAL A 207 -35.22 -21.47 -8.70
N CYS A 208 -35.03 -20.40 -9.47
CA CYS A 208 -35.58 -20.34 -10.82
C CYS A 208 -34.75 -19.45 -11.73
N ASN A 209 -34.23 -20.04 -12.80
CA ASN A 209 -33.52 -19.30 -13.84
C ASN A 209 -34.46 -19.01 -15.00
N CYS A 210 -35.22 -17.93 -14.88
CA CYS A 210 -36.22 -17.59 -15.88
C CYS A 210 -35.71 -16.57 -16.88
N ALA A 211 -34.39 -16.56 -17.09
CA ALA A 211 -33.78 -15.72 -18.10
C ALA A 211 -34.18 -16.22 -19.49
N VAL A 212 -34.48 -17.52 -19.57
CA VAL A 212 -34.87 -18.16 -20.82
C VAL A 212 -36.24 -18.81 -20.68
N ALA A 213 -36.53 -19.35 -19.50
CA ALA A 213 -37.73 -20.15 -19.28
C ALA A 213 -39.00 -19.31 -19.25
N ALA A 214 -40.01 -19.77 -19.96
CA ALA A 214 -41.31 -19.10 -19.98
C ALA A 214 -41.96 -19.13 -18.60
N LEU A 215 -41.88 -18.01 -17.89
CA LEU A 215 -42.37 -17.93 -16.52
C LEU A 215 -43.90 -17.84 -16.45
N GLY A 216 -44.52 -17.37 -17.52
CA GLY A 216 -45.95 -17.14 -17.53
C GLY A 216 -46.28 -15.95 -16.65
N ASP A 217 -47.51 -15.89 -16.15
CA ASP A 217 -47.90 -14.80 -15.27
C ASP A 217 -47.01 -14.79 -14.02
N PRO A 218 -46.13 -13.77 -13.89
CA PRO A 218 -45.18 -13.79 -12.77
C PRO A 218 -45.83 -13.57 -11.41
N ALA A 219 -46.93 -12.83 -11.35
CA ALA A 219 -47.62 -12.59 -10.08
C ALA A 219 -48.11 -13.90 -9.47
N SER A 220 -48.86 -14.66 -10.25
CA SER A 220 -49.38 -15.94 -9.79
C SER A 220 -48.23 -16.90 -9.49
N ALA A 221 -47.26 -16.95 -10.41
CA ALA A 221 -46.10 -17.82 -10.26
C ALA A 221 -45.37 -17.56 -8.94
N LEU A 222 -45.04 -16.30 -8.68
CA LEU A 222 -44.37 -15.91 -7.44
C LEU A 222 -45.21 -16.27 -6.22
N SER A 223 -46.53 -16.06 -6.32
CA SER A 223 -47.43 -16.33 -5.21
C SER A 223 -47.33 -17.80 -4.78
N ASN A 224 -47.35 -18.70 -5.76
CA ASN A 224 -47.27 -20.13 -5.50
C ASN A 224 -45.88 -20.58 -5.05
N MET A 225 -44.84 -19.86 -5.48
CA MET A 225 -43.48 -20.18 -5.05
C MET A 225 -43.30 -19.87 -3.57
N VAL A 226 -43.74 -18.68 -3.16
CA VAL A 226 -43.65 -18.28 -1.76
C VAL A 226 -44.39 -19.28 -0.87
N ALA A 227 -45.59 -19.67 -1.28
CA ALA A 227 -46.40 -20.62 -0.53
C ALA A 227 -45.66 -21.95 -0.31
N ALA A 228 -44.79 -22.30 -1.25
CA ALA A 228 -44.04 -23.55 -1.17
C ALA A 228 -42.85 -23.42 -0.21
N LEU A 229 -42.40 -22.20 0.02
CA LEU A 229 -41.31 -21.95 0.97
C LEU A 229 -41.79 -22.02 2.42
N ARG A 230 -40.89 -22.40 3.31
CA ARG A 230 -41.13 -22.28 4.73
C ARG A 230 -40.95 -20.82 5.14
N GLU A 231 -41.35 -20.48 6.34
CA GLU A 231 -41.09 -19.16 6.90
C GLU A 231 -39.60 -19.01 7.13
N GLY A 232 -39.00 -18.00 6.51
CA GLY A 232 -37.56 -17.79 6.56
C GLY A 232 -36.85 -18.42 5.38
N GLY A 233 -37.60 -19.19 4.58
CA GLY A 233 -37.06 -19.80 3.38
C GLY A 233 -36.69 -18.77 2.34
N PHE A 234 -35.82 -19.16 1.41
CA PHE A 234 -35.28 -18.23 0.42
C PHE A 234 -35.77 -18.52 -1.00
N LEU A 235 -35.93 -17.46 -1.79
CA LEU A 235 -36.20 -17.57 -3.22
C LEU A 235 -35.05 -16.94 -3.99
N LEU A 236 -34.40 -17.71 -4.85
CA LEU A 236 -33.36 -17.19 -5.72
C LEU A 236 -33.85 -17.17 -7.16
N LEU A 237 -33.91 -15.96 -7.73
CA LEU A 237 -34.45 -15.78 -9.07
C LEU A 237 -33.45 -15.07 -9.98
N HIS A 238 -33.09 -15.73 -11.08
CA HIS A 238 -32.23 -15.13 -12.09
C HIS A 238 -33.08 -14.72 -13.29
N THR A 239 -32.97 -13.45 -13.69
CA THR A 239 -33.80 -12.92 -14.77
C THR A 239 -33.13 -11.76 -15.51
N LEU A 240 -33.86 -11.19 -16.46
CA LEU A 240 -33.38 -10.05 -17.25
C LEU A 240 -34.32 -8.86 -17.05
N LEU A 241 -33.75 -7.67 -16.93
CA LEU A 241 -34.53 -6.47 -16.62
C LEU A 241 -34.90 -5.65 -17.84
N ARG A 242 -36.15 -5.19 -17.85
CA ARG A 242 -36.60 -4.27 -18.88
C ARG A 242 -35.96 -2.91 -18.66
N GLY A 243 -35.76 -2.17 -19.74
CA GLY A 243 -35.06 -0.91 -19.67
C GLY A 243 -33.55 -1.12 -19.74
N HIS A 244 -33.13 -2.40 -19.73
CA HIS A 244 -31.73 -2.74 -19.93
C HIS A 244 -31.52 -3.41 -21.29
N PRO A 245 -30.29 -3.35 -21.81
CA PRO A 245 -30.00 -3.83 -23.18
C PRO A 245 -30.39 -5.29 -23.43
N LEU A 246 -29.86 -6.21 -22.63
CA LEU A 246 -30.07 -7.63 -22.86
C LEU A 246 -31.53 -8.02 -22.75
N GLY A 247 -32.21 -7.47 -21.74
CA GLY A 247 -33.62 -7.72 -21.55
C GLY A 247 -34.43 -7.28 -22.76
N ASP A 248 -34.14 -6.09 -23.26
CA ASP A 248 -34.86 -5.56 -24.42
C ASP A 248 -34.60 -6.41 -25.66
N ILE A 249 -33.35 -6.83 -25.84
CA ILE A 249 -32.97 -7.69 -26.96
C ILE A 249 -33.75 -9.01 -26.93
N VAL A 250 -33.70 -9.70 -25.80
CA VAL A 250 -34.39 -10.97 -25.65
C VAL A 250 -35.90 -10.79 -25.84
N ALA A 251 -36.42 -9.68 -25.34
CA ALA A 251 -37.83 -9.35 -25.49
C ALA A 251 -38.19 -9.26 -26.98
N PHE A 252 -37.33 -8.58 -27.74
CA PHE A 252 -37.55 -8.40 -29.17
C PHE A 252 -37.65 -9.73 -29.90
N LEU A 253 -36.90 -10.73 -29.43
CA LEU A 253 -36.94 -12.06 -30.04
C LEU A 253 -38.20 -12.84 -29.67
N THR A 254 -38.90 -12.38 -28.63
CA THR A 254 -40.00 -13.15 -28.06
C THR A 254 -41.16 -13.39 -29.04
N SER A 255 -41.43 -12.39 -29.87
CA SER A 255 -42.56 -12.46 -30.80
C SER A 255 -42.48 -13.67 -31.71
N GLY A 261 -39.91 -15.67 -22.67
CA GLY A 261 -40.93 -14.78 -23.19
C GLY A 261 -41.56 -13.94 -22.09
N GLN A 262 -42.89 -13.86 -22.10
CA GLN A 262 -43.60 -13.05 -21.11
C GLN A 262 -43.16 -13.45 -19.71
N GLY A 263 -42.67 -12.46 -18.97
CA GLY A 263 -41.98 -12.68 -17.71
C GLY A 263 -40.73 -11.83 -17.62
N ILE A 264 -40.58 -10.93 -18.59
CA ILE A 264 -39.47 -10.01 -18.65
C ILE A 264 -39.93 -8.65 -18.13
N LEU A 265 -39.70 -8.40 -16.84
CA LEU A 265 -40.23 -7.23 -16.15
C LEU A 265 -39.11 -6.29 -15.67
N SER A 266 -39.46 -5.00 -15.53
CA SER A 266 -38.56 -4.01 -14.97
C SER A 266 -38.25 -4.32 -13.52
N GLN A 267 -37.19 -3.74 -12.98
CA GLN A 267 -36.82 -3.97 -11.59
C GLN A 267 -37.88 -3.41 -10.65
N ASP A 268 -38.45 -2.26 -10.99
CA ASP A 268 -39.53 -1.68 -10.21
C ASP A 268 -40.73 -2.62 -10.16
N ALA A 269 -41.08 -3.18 -11.32
CA ALA A 269 -42.16 -4.15 -11.39
C ALA A 269 -41.88 -5.37 -10.52
N TRP A 270 -40.65 -5.87 -10.61
CA TRP A 270 -40.25 -7.04 -9.82
C TRP A 270 -40.38 -6.77 -8.32
N GLU A 271 -39.88 -5.61 -7.89
CA GLU A 271 -39.88 -5.26 -6.48
C GLU A 271 -41.29 -4.98 -5.97
N SER A 272 -42.15 -4.46 -6.84
CA SER A 272 -43.55 -4.28 -6.50
C SER A 272 -44.20 -5.65 -6.32
N LEU A 273 -43.84 -6.57 -7.21
CA LEU A 273 -44.38 -7.92 -7.16
C LEU A 273 -43.95 -8.64 -5.89
N PHE A 274 -42.69 -8.47 -5.52
CA PHE A 274 -42.16 -9.06 -4.29
C PHE A 274 -42.95 -8.56 -3.08
N SER A 275 -43.20 -7.25 -3.04
CA SER A 275 -43.98 -6.67 -1.97
C SER A 275 -45.37 -7.28 -1.93
N ARG A 276 -45.98 -7.40 -3.10
CA ARG A 276 -47.35 -7.88 -3.21
C ARG A 276 -47.52 -9.29 -2.66
N VAL A 277 -46.48 -10.12 -2.78
CA VAL A 277 -46.55 -11.50 -2.30
C VAL A 277 -45.81 -11.69 -0.96
N SER A 278 -45.43 -10.59 -0.33
CA SER A 278 -44.77 -10.58 0.99
C SER A 278 -43.29 -10.96 0.96
N LEU A 279 -42.76 -11.28 -0.21
CA LEU A 279 -41.33 -11.57 -0.33
C LEU A 279 -40.48 -10.39 0.11
N ARG A 280 -39.59 -10.63 1.08
CA ARG A 280 -38.62 -9.64 1.53
C ARG A 280 -37.34 -9.76 0.70
N LEU A 281 -36.91 -8.67 0.07
CA LEU A 281 -35.69 -8.67 -0.72
C LEU A 281 -34.47 -8.46 0.18
N VAL A 282 -33.49 -9.36 0.08
CA VAL A 282 -32.32 -9.33 0.96
C VAL A 282 -31.00 -9.44 0.20
N GLY A 283 -31.08 -9.65 -1.11
CA GLY A 283 -29.90 -9.73 -1.94
C GLY A 283 -30.20 -9.31 -3.37
N LEU A 284 -29.20 -8.74 -4.03
CA LEU A 284 -29.37 -8.20 -5.37
C LEU A 284 -28.03 -8.09 -6.09
N LYS A 285 -27.85 -8.92 -7.12
CA LYS A 285 -26.65 -8.87 -7.96
C LYS A 285 -27.05 -8.49 -9.37
N LYS A 286 -26.60 -7.32 -9.82
CA LYS A 286 -26.91 -6.82 -11.16
C LYS A 286 -25.66 -6.70 -12.03
N SER A 287 -25.71 -7.30 -13.21
CA SER A 287 -24.64 -7.15 -14.18
C SER A 287 -24.75 -5.83 -14.89
N PHE A 288 -23.67 -5.43 -15.57
CA PHE A 288 -23.64 -4.13 -16.24
C PHE A 288 -24.63 -4.06 -17.40
N TYR A 289 -25.17 -5.19 -17.81
CA TYR A 289 -26.11 -5.25 -18.93
C TYR A 289 -27.52 -5.64 -18.49
N GLY A 290 -27.76 -5.74 -17.19
CA GLY A 290 -29.11 -5.84 -16.67
C GLY A 290 -29.61 -7.20 -16.25
N SER A 291 -28.81 -8.25 -16.44
CA SER A 291 -29.16 -9.55 -15.91
C SER A 291 -29.07 -9.44 -14.40
N THR A 292 -29.94 -10.15 -13.68
CA THR A 292 -30.13 -9.89 -12.26
C THR A 292 -30.42 -11.14 -11.45
N LEU A 293 -29.75 -11.25 -10.31
CA LEU A 293 -30.05 -12.26 -9.30
C LEU A 293 -30.77 -11.64 -8.11
N PHE A 294 -32.05 -11.95 -7.95
CA PHE A 294 -32.82 -11.52 -6.79
C PHE A 294 -32.76 -12.60 -5.71
N LEU A 295 -32.31 -12.22 -4.51
CA LEU A 295 -32.37 -13.12 -3.37
C LEU A 295 -33.45 -12.64 -2.41
N CYS A 296 -34.56 -13.37 -2.38
CA CYS A 296 -35.72 -13.00 -1.59
C CYS A 296 -35.95 -14.01 -0.47
N ARG A 297 -36.78 -13.64 0.48
CA ARG A 297 -37.01 -14.46 1.67
C ARG A 297 -38.45 -14.32 2.15
N ARG A 298 -39.06 -15.45 2.50
CA ARG A 298 -40.40 -15.45 3.09
C ARG A 298 -40.29 -15.06 4.56
N PRO A 299 -41.13 -14.11 5.01
CA PRO A 299 -41.00 -13.63 6.40
C PRO A 299 -41.28 -14.71 7.46
N THR A 300 -40.67 -14.54 8.63
CA THR A 300 -41.01 -15.31 9.81
C THR A 300 -41.71 -14.38 10.79
N PRO A 301 -42.85 -14.83 11.37
CA PRO A 301 -43.58 -13.98 12.33
C PRO A 301 -42.69 -13.37 13.41
N GLN A 302 -42.43 -12.08 13.30
CA GLN A 302 -41.45 -11.40 14.14
C GLN A 302 -41.79 -11.44 15.63
N ASP A 303 -41.12 -12.33 16.36
CA ASP A 303 -41.22 -12.36 17.80
C ASP A 303 -40.31 -11.28 18.38
N SER A 304 -40.69 -10.72 19.52
CA SER A 304 -39.93 -9.63 20.14
C SER A 304 -38.44 -9.95 20.25
N PRO A 305 -37.59 -9.25 19.48
CA PRO A 305 -36.16 -9.55 19.54
C PRO A 305 -35.54 -9.29 20.90
N ILE A 306 -34.45 -10.01 21.19
CA ILE A 306 -33.60 -9.71 22.34
C ILE A 306 -32.33 -9.06 21.80
N PHE A 307 -31.85 -8.03 22.49
CA PHE A 307 -30.65 -7.31 22.08
C PHE A 307 -29.58 -7.35 23.16
N LEU A 308 -28.45 -7.95 22.84
CA LEU A 308 -27.33 -8.10 23.77
C LEU A 308 -26.07 -7.47 23.20
N PRO A 309 -25.53 -6.43 23.86
CA PRO A 309 -24.21 -5.95 23.45
C PRO A 309 -23.10 -6.94 23.83
N VAL A 310 -22.07 -7.03 22.99
CA VAL A 310 -20.96 -7.94 23.24
C VAL A 310 -19.63 -7.21 23.27
N ASP A 311 -19.68 -5.88 23.25
CA ASP A 311 -18.48 -5.04 23.23
C ASP A 311 -17.75 -5.07 24.57
N ASP A 312 -18.45 -5.42 25.64
CA ASP A 312 -17.84 -5.48 26.95
C ASP A 312 -16.62 -6.40 26.93
N THR A 313 -15.45 -5.83 27.22
CA THR A 313 -14.18 -6.53 27.16
C THR A 313 -14.06 -7.60 28.25
N SER A 314 -14.78 -7.41 29.34
CA SER A 314 -14.76 -8.37 30.44
C SER A 314 -15.45 -9.68 30.05
N PHE A 315 -16.13 -9.67 28.91
CA PHE A 315 -16.88 -10.82 28.42
C PHE A 315 -17.95 -11.24 29.43
N ARG A 316 -18.38 -10.30 30.27
CA ARG A 316 -19.45 -10.58 31.21
C ARG A 316 -20.71 -10.96 30.44
N TRP A 317 -20.89 -10.34 29.27
CA TRP A 317 -22.03 -10.64 28.41
C TRP A 317 -22.18 -12.14 28.13
N VAL A 318 -21.10 -12.90 28.33
CA VAL A 318 -21.15 -14.35 28.15
C VAL A 318 -22.15 -14.99 29.12
N GLU A 319 -22.12 -14.54 30.37
CA GLU A 319 -23.04 -15.05 31.39
C GLU A 319 -24.48 -14.73 31.02
N SER A 320 -24.69 -13.51 30.51
CA SER A 320 -26.00 -13.08 30.06
C SER A 320 -26.52 -13.99 28.94
N LEU A 321 -25.65 -14.27 27.98
CA LEU A 321 -26.02 -15.11 26.85
C LEU A 321 -26.30 -16.54 27.31
N LYS A 322 -25.57 -16.99 28.33
CA LYS A 322 -25.81 -18.30 28.92
C LYS A 322 -27.26 -18.40 29.36
N GLY A 323 -27.71 -17.41 30.13
CA GLY A 323 -29.07 -17.38 30.62
C GLY A 323 -30.09 -17.37 29.51
N ILE A 324 -29.91 -16.47 28.54
CA ILE A 324 -30.83 -16.36 27.41
C ILE A 324 -31.01 -17.71 26.70
N LEU A 325 -29.91 -18.30 26.26
CA LEU A 325 -29.96 -19.54 25.51
C LEU A 325 -30.30 -20.74 26.42
N ALA A 326 -30.21 -20.55 27.73
CA ALA A 326 -30.64 -21.59 28.65
C ALA A 326 -32.16 -21.74 28.58
N ASP A 327 -32.84 -20.66 28.22
CA ASP A 327 -34.30 -20.70 28.09
C ASP A 327 -34.73 -21.46 26.82
N GLU A 328 -34.76 -22.79 26.91
CA GLU A 328 -35.11 -23.65 25.78
C GLU A 328 -36.54 -23.43 25.29
N ASP A 329 -37.42 -23.00 26.19
CA ASP A 329 -38.82 -22.80 25.84
C ASP A 329 -39.01 -21.65 24.85
N SER A 330 -38.19 -20.62 24.97
CA SER A 330 -38.36 -19.40 24.18
C SER A 330 -37.87 -19.57 22.75
N SER A 331 -38.52 -18.88 21.83
CA SER A 331 -38.11 -18.82 20.43
C SER A 331 -37.63 -17.42 20.07
N ARG A 332 -37.47 -16.59 21.09
CA ARG A 332 -37.04 -15.20 20.89
C ARG A 332 -35.73 -15.15 20.09
N PRO A 333 -35.72 -14.39 18.98
CA PRO A 333 -34.45 -14.20 18.27
C PRO A 333 -33.44 -13.44 19.13
N VAL A 334 -32.18 -13.88 19.12
CA VAL A 334 -31.14 -13.26 19.93
C VAL A 334 -30.15 -12.52 19.05
N TRP A 335 -30.15 -11.19 19.16
CA TRP A 335 -29.29 -10.33 18.35
C TRP A 335 -28.08 -9.84 19.14
N LEU A 336 -26.90 -10.28 18.73
CA LEU A 336 -25.65 -9.84 19.34
C LEU A 336 -25.14 -8.60 18.62
N LYS A 337 -24.98 -7.51 19.36
CA LYS A 337 -24.61 -6.22 18.76
C LYS A 337 -23.18 -5.81 19.09
N ALA A 338 -22.40 -5.59 18.04
CA ALA A 338 -21.04 -5.07 18.17
C ALA A 338 -20.92 -3.75 17.41
N ILE A 339 -21.26 -2.66 18.11
CA ILE A 339 -21.35 -1.34 17.48
C ILE A 339 -20.24 -0.39 17.93
N ASN A 340 -19.47 -0.80 18.93
CA ASN A 340 -18.41 0.04 19.48
C ASN A 340 -17.04 -0.63 19.41
N CYS A 341 -16.87 -1.54 18.45
CA CYS A 341 -15.61 -2.24 18.26
C CYS A 341 -15.55 -2.88 16.88
N ALA A 342 -14.81 -2.25 15.97
CA ALA A 342 -14.68 -2.74 14.60
C ALA A 342 -13.97 -4.09 14.55
N THR A 343 -13.11 -4.34 15.55
CA THR A 343 -12.32 -5.57 15.58
C THR A 343 -12.97 -6.63 16.46
N SER A 344 -14.29 -6.59 16.59
CA SER A 344 -15.02 -7.62 17.30
C SER A 344 -14.91 -8.93 16.53
N GLY A 345 -14.93 -10.05 17.26
CA GLY A 345 -14.90 -11.36 16.66
C GLY A 345 -16.28 -12.01 16.70
N VAL A 346 -17.32 -11.18 16.71
CA VAL A 346 -18.69 -11.69 16.85
C VAL A 346 -19.07 -12.64 15.73
N VAL A 347 -18.56 -12.41 14.52
CA VAL A 347 -18.90 -13.26 13.39
C VAL A 347 -18.45 -14.70 13.63
N GLY A 348 -17.20 -14.87 14.04
CA GLY A 348 -16.66 -16.18 14.36
C GLY A 348 -17.39 -16.81 15.53
N LEU A 349 -17.70 -15.99 16.53
CA LEU A 349 -18.48 -16.45 17.68
C LEU A 349 -19.81 -17.04 17.23
N VAL A 350 -20.52 -16.33 16.35
CA VAL A 350 -21.82 -16.76 15.88
C VAL A 350 -21.71 -18.06 15.07
N ASN A 351 -20.72 -18.16 14.19
CA ASN A 351 -20.56 -19.36 13.38
C ASN A 351 -20.47 -20.61 14.24
N CYS A 352 -19.87 -20.47 15.42
CA CYS A 352 -19.74 -21.61 16.33
C CYS A 352 -21.02 -21.85 17.14
N LEU A 353 -21.60 -20.78 17.69
CA LEU A 353 -22.77 -20.91 18.54
C LEU A 353 -24.00 -21.37 17.74
N ARG A 354 -24.00 -21.09 16.44
CA ARG A 354 -25.09 -21.53 15.57
C ARG A 354 -25.12 -23.07 15.48
N ARG A 355 -24.00 -23.70 15.79
CA ARG A 355 -23.94 -25.17 15.78
C ARG A 355 -24.19 -25.74 17.17
N GLU A 356 -24.43 -24.87 18.14
CA GLU A 356 -24.66 -25.27 19.54
C GLU A 356 -26.17 -25.18 19.86
N PRO A 357 -26.58 -25.71 21.03
CA PRO A 357 -28.00 -25.69 21.39
C PRO A 357 -28.62 -24.29 21.39
N GLY A 358 -29.78 -24.14 20.74
CA GLY A 358 -30.46 -22.87 20.67
C GLY A 358 -29.75 -21.90 19.73
N GLY A 359 -28.80 -22.41 18.96
CA GLY A 359 -28.00 -21.60 18.07
C GLY A 359 -28.82 -20.94 16.97
N ASN A 360 -29.90 -21.60 16.57
CA ASN A 360 -30.76 -21.06 15.52
C ASN A 360 -31.42 -19.75 15.94
N ARG A 361 -31.43 -19.49 17.24
CA ARG A 361 -31.99 -18.24 17.75
C ARG A 361 -31.08 -17.05 17.45
N LEU A 362 -29.85 -17.31 17.00
CA LEU A 362 -28.83 -16.27 16.93
C LEU A 362 -28.75 -15.50 15.61
N ARG A 363 -28.58 -14.19 15.76
CA ARG A 363 -28.23 -13.28 14.68
C ARG A 363 -27.20 -12.31 15.23
N CYS A 364 -26.66 -11.44 14.39
CA CYS A 364 -25.73 -10.42 14.89
C CYS A 364 -25.64 -9.21 13.98
N VAL A 365 -25.23 -8.09 14.58
CA VAL A 365 -24.92 -6.87 13.85
C VAL A 365 -23.49 -6.49 14.19
N LEU A 366 -22.71 -6.13 13.16
CA LEU A 366 -21.32 -5.71 13.35
C LEU A 366 -21.00 -4.46 12.55
N LEU A 367 -20.76 -3.36 13.26
CA LEU A 367 -20.27 -2.14 12.64
C LEU A 367 -18.75 -2.17 12.57
N SER A 368 -18.22 -2.38 11.36
CA SER A 368 -16.79 -2.47 11.17
C SER A 368 -16.34 -1.61 9.99
N ASN A 369 -16.17 -0.32 10.24
CA ASN A 369 -15.61 0.59 9.27
C ASN A 369 -14.09 0.49 9.27
N LEU A 370 -13.49 0.42 8.08
CA LEU A 370 -12.04 0.40 7.96
C LEU A 370 -11.50 1.83 7.93
N SER A 371 -12.33 2.76 7.49
CA SER A 371 -11.96 4.17 7.43
C SER A 371 -12.64 4.96 8.54
N SER A 372 -11.84 5.67 9.34
CA SER A 372 -12.36 6.55 10.37
C SER A 372 -13.19 7.67 9.72
N THR A 373 -12.97 7.87 8.42
CA THR A 373 -13.73 8.83 7.65
C THR A 373 -15.20 8.42 7.54
N SER A 374 -15.43 7.11 7.46
CA SER A 374 -16.76 6.58 7.18
C SER A 374 -17.78 6.91 8.26
N HIS A 375 -19.04 7.01 7.84
CA HIS A 375 -20.15 7.33 8.73
C HIS A 375 -20.68 6.08 9.43
N VAL A 376 -20.94 6.21 10.73
CA VAL A 376 -21.52 5.12 11.52
C VAL A 376 -23.04 5.24 11.54
N PRO A 377 -23.76 4.21 11.04
CA PRO A 377 -25.22 4.28 11.10
C PRO A 377 -25.76 3.99 12.49
N GLU A 378 -26.94 4.52 12.81
CA GLU A 378 -27.56 4.29 14.10
C GLU A 378 -28.43 3.05 14.06
N VAL A 379 -28.12 2.09 14.92
CA VAL A 379 -28.80 0.80 14.93
C VAL A 379 -29.38 0.49 16.30
N ASP A 380 -29.66 1.54 17.08
CA ASP A 380 -30.32 1.38 18.37
C ASP A 380 -31.74 0.88 18.12
N PRO A 381 -32.34 0.20 19.11
CA PRO A 381 -33.72 -0.26 18.96
C PRO A 381 -34.69 0.89 18.71
N GLY A 382 -35.17 0.99 17.47
CA GLY A 382 -36.10 2.04 17.08
C GLY A 382 -35.62 2.84 15.89
N SER A 383 -34.51 2.41 15.28
CA SER A 383 -33.96 3.09 14.11
C SER A 383 -34.45 2.46 12.82
N ALA A 384 -34.52 3.27 11.77
CA ALA A 384 -34.91 2.79 10.45
C ALA A 384 -33.97 1.69 9.99
N GLU A 385 -32.68 1.92 10.18
CA GLU A 385 -31.65 0.95 9.80
C GLU A 385 -31.83 -0.38 10.52
N LEU A 386 -31.97 -0.33 11.84
CA LEU A 386 -32.07 -1.55 12.62
C LEU A 386 -33.34 -2.32 12.27
N GLN A 387 -34.44 -1.60 12.08
CA GLN A 387 -35.70 -2.25 11.70
C GLN A 387 -35.57 -2.89 10.32
N LYS A 388 -34.83 -2.23 9.43
CA LYS A 388 -34.59 -2.77 8.10
C LYS A 388 -33.77 -4.06 8.19
N VAL A 389 -32.83 -4.11 9.14
CA VAL A 389 -32.04 -5.31 9.36
C VAL A 389 -32.92 -6.42 9.94
N LEU A 390 -33.83 -6.05 10.84
CA LEU A 390 -34.73 -7.01 11.47
C LEU A 390 -35.64 -7.67 10.45
N GLN A 391 -36.21 -6.87 9.54
CA GLN A 391 -37.11 -7.39 8.52
C GLN A 391 -36.43 -8.43 7.64
N GLY A 392 -35.15 -8.23 7.36
CA GLY A 392 -34.37 -9.19 6.61
C GLY A 392 -34.12 -10.43 7.44
N ASP A 393 -33.85 -10.22 8.72
CA ASP A 393 -33.65 -11.31 9.68
C ASP A 393 -32.46 -12.19 9.31
N LEU A 394 -31.47 -11.61 8.65
CA LEU A 394 -30.26 -12.36 8.30
C LEU A 394 -29.41 -12.63 9.55
N VAL A 395 -28.68 -13.73 9.53
CA VAL A 395 -27.79 -14.08 10.63
C VAL A 395 -26.65 -13.07 10.70
N MET A 396 -26.02 -12.83 9.56
CA MET A 396 -24.83 -11.98 9.48
C MET A 396 -25.15 -10.62 8.88
N ASN A 397 -24.98 -9.58 9.70
CA ASN A 397 -25.20 -8.21 9.25
C ASN A 397 -24.01 -7.33 9.58
N VAL A 398 -23.13 -7.17 8.60
CA VAL A 398 -21.92 -6.37 8.76
C VAL A 398 -22.05 -5.07 7.98
N TYR A 399 -21.92 -3.96 8.69
CA TYR A 399 -21.83 -2.66 8.03
C TYR A 399 -20.36 -2.29 7.85
N ARG A 400 -19.98 -1.92 6.63
CA ARG A 400 -18.63 -1.48 6.35
C ARG A 400 -18.59 -0.45 5.23
N ASP A 401 -18.21 0.77 5.61
CA ASP A 401 -17.93 1.86 4.67
C ASP A 401 -19.04 2.07 3.64
N GLY A 402 -20.23 2.41 4.10
CA GLY A 402 -21.34 2.74 3.22
C GLY A 402 -22.22 1.58 2.78
N ALA A 403 -21.82 0.35 3.12
CA ALA A 403 -22.54 -0.82 2.62
C ALA A 403 -22.84 -1.86 3.71
N TRP A 404 -24.05 -2.40 3.66
CA TRP A 404 -24.41 -3.57 4.45
C TRP A 404 -24.06 -4.84 3.69
N GLY A 405 -23.55 -5.84 4.38
CA GLY A 405 -23.15 -7.08 3.74
C GLY A 405 -22.71 -8.15 4.72
N ALA A 406 -21.81 -9.02 4.28
CA ALA A 406 -21.30 -10.09 5.12
C ALA A 406 -20.08 -10.72 4.48
N PHE A 407 -19.20 -11.29 5.30
CA PHE A 407 -18.01 -11.94 4.78
C PHE A 407 -18.38 -13.25 4.08
N ARG A 408 -17.99 -13.39 2.82
CA ARG A 408 -18.24 -14.59 2.03
C ARG A 408 -16.93 -15.21 1.52
N HIS A 409 -16.96 -16.51 1.26
CA HIS A 409 -15.80 -17.22 0.71
C HIS A 409 -15.90 -17.33 -0.81
N PHE A 410 -14.78 -17.15 -1.50
CA PHE A 410 -14.72 -17.23 -2.95
C PHE A 410 -13.48 -17.97 -3.41
N LEU A 411 -13.63 -18.80 -4.44
CA LEU A 411 -12.51 -19.56 -4.98
C LEU A 411 -11.33 -18.67 -5.35
N LEU A 412 -10.22 -18.85 -4.64
CA LEU A 412 -8.99 -18.14 -4.97
C LEU A 412 -8.53 -18.46 -6.39
N GLU A 413 -8.02 -17.46 -7.10
CA GLU A 413 -7.50 -17.67 -8.46
C GLU A 413 -6.06 -18.19 -8.41
N GLU A 414 -5.50 -18.46 -9.59
CA GLU A 414 -4.14 -18.98 -9.70
C GLU A 414 -3.12 -17.86 -9.88
N ASP A 415 -1.88 -18.12 -9.43
CA ASP A 415 -0.80 -17.15 -9.55
C ASP A 415 0.52 -17.87 -9.81
N SER A 419 6.91 -14.20 -6.58
CA SER A 419 6.27 -15.49 -6.82
C SER A 419 6.52 -16.45 -5.66
N LYS A 420 7.80 -16.80 -5.46
CA LYS A 420 8.19 -17.66 -4.35
C LYS A 420 8.79 -16.82 -3.23
N THR A 421 8.93 -17.43 -2.05
CA THR A 421 9.27 -16.71 -0.83
C THR A 421 10.70 -16.98 -0.38
N GLY A 422 11.50 -15.91 -0.39
CA GLY A 422 12.86 -15.94 0.12
C GLY A 422 13.07 -14.80 1.08
N CYS A 423 13.77 -15.07 2.18
CA CYS A 423 14.01 -14.07 3.23
C CYS A 423 15.48 -13.66 3.27
N PRO A 424 15.74 -12.35 3.48
CA PRO A 424 17.13 -11.88 3.63
C PRO A 424 17.75 -12.26 4.97
N ALA A 425 19.04 -12.56 4.95
CA ALA A 425 19.77 -13.10 6.11
C ALA A 425 19.89 -12.08 7.24
N HIS A 426 19.74 -10.80 6.94
CA HIS A 426 19.97 -9.76 7.93
C HIS A 426 18.71 -9.39 8.72
N LYS A 427 17.55 -9.83 8.24
CA LYS A 427 16.30 -9.49 8.92
C LYS A 427 15.94 -10.53 9.98
N SER A 428 15.28 -10.06 11.04
CA SER A 428 14.81 -10.93 12.12
C SER A 428 13.36 -11.35 11.90
N TYR A 429 13.02 -12.55 12.36
CA TYR A 429 11.67 -13.08 12.18
C TYR A 429 11.15 -13.71 13.46
N ILE A 430 9.93 -13.33 13.83
CA ILE A 430 9.34 -13.74 15.09
C ILE A 430 8.18 -14.70 14.86
N ILE A 431 8.16 -15.77 15.64
CA ILE A 431 7.03 -16.70 15.66
C ILE A 431 6.50 -16.80 17.08
N ALA A 432 5.33 -16.21 17.32
CA ALA A 432 4.64 -16.37 18.59
C ALA A 432 4.05 -17.77 18.61
N GLY A 433 4.39 -18.54 19.64
CA GLY A 433 4.02 -19.95 19.69
C GLY A 433 4.95 -20.78 18.83
N GLY A 434 6.20 -20.34 18.72
CA GLY A 434 7.17 -20.94 17.82
C GLY A 434 7.58 -22.36 18.15
N LEU A 435 7.56 -22.71 19.43
CA LEU A 435 7.95 -24.04 19.87
C LEU A 435 6.84 -25.06 19.69
N GLY A 436 5.68 -24.60 19.22
CA GLY A 436 4.55 -25.48 19.00
C GLY A 436 4.74 -26.36 17.78
N GLY A 437 3.77 -27.25 17.54
CA GLY A 437 3.81 -28.16 16.40
C GLY A 437 4.02 -27.46 15.07
N PHE A 438 3.04 -26.64 14.68
CA PHE A 438 3.12 -25.89 13.43
C PHE A 438 4.30 -24.91 13.47
N GLY A 439 4.56 -24.34 14.64
CA GLY A 439 5.60 -23.33 14.80
C GLY A 439 6.98 -23.82 14.44
N LEU A 440 7.35 -25.00 14.92
CA LEU A 440 8.65 -25.57 14.60
C LEU A 440 8.80 -25.84 13.10
N GLU A 441 7.74 -26.35 12.48
CA GLU A 441 7.77 -26.62 11.05
C GLU A 441 7.85 -25.33 10.25
N LEU A 442 7.24 -24.27 10.77
CA LEU A 442 7.29 -22.96 10.12
C LEU A 442 8.68 -22.37 10.24
N ALA A 443 9.30 -22.56 11.40
CA ALA A 443 10.66 -22.09 11.62
C ALA A 443 11.63 -22.80 10.66
N GLN A 444 11.48 -24.11 10.54
CA GLN A 444 12.28 -24.91 9.61
C GLN A 444 12.12 -24.40 8.19
N TRP A 445 10.88 -24.15 7.79
CA TRP A 445 10.56 -23.70 6.43
C TRP A 445 11.15 -22.31 6.17
N LEU A 446 10.98 -21.40 7.13
CA LEU A 446 11.55 -20.06 7.02
C LEU A 446 13.07 -20.11 6.85
N ILE A 447 13.72 -20.88 7.71
CA ILE A 447 15.17 -21.05 7.66
C ILE A 447 15.61 -21.46 6.26
N GLN A 448 15.06 -22.56 5.76
CA GLN A 448 15.45 -23.08 4.45
C GLN A 448 14.98 -22.17 3.31
N ARG A 449 14.27 -21.09 3.64
CA ARG A 449 14.01 -20.02 2.67
C ARG A 449 14.91 -18.82 2.95
N GLY A 450 15.93 -19.02 3.78
CA GLY A 450 16.99 -18.04 3.96
C GLY A 450 17.11 -17.41 5.34
N VAL A 451 16.15 -17.67 6.22
CA VAL A 451 16.12 -16.99 7.51
C VAL A 451 17.30 -17.42 8.38
N GLN A 452 18.01 -16.43 8.92
CA GLN A 452 19.18 -16.66 9.77
C GLN A 452 18.95 -16.13 11.18
N LYS A 453 17.86 -15.41 11.37
CA LYS A 453 17.55 -14.79 12.66
C LYS A 453 16.12 -15.09 13.07
N LEU A 454 15.96 -15.91 14.10
CA LEU A 454 14.66 -16.35 14.59
C LEU A 454 14.47 -16.03 16.06
N VAL A 455 13.29 -15.55 16.42
CA VAL A 455 12.87 -15.42 17.81
C VAL A 455 11.56 -16.19 17.99
N LEU A 456 11.61 -17.26 18.79
CA LEU A 456 10.44 -18.09 19.05
C LEU A 456 9.96 -17.84 20.46
N THR A 457 8.68 -17.48 20.62
CA THR A 457 8.15 -17.13 21.94
C THR A 457 7.34 -18.27 22.54
N SER A 458 7.32 -18.30 23.86
CA SER A 458 6.65 -19.35 24.61
C SER A 458 6.41 -18.88 26.04
N ARG A 459 5.27 -19.23 26.61
CA ARG A 459 4.94 -18.78 27.96
C ARG A 459 5.88 -19.38 29.01
N SER A 460 6.43 -20.55 28.70
CA SER A 460 7.24 -21.29 29.68
C SER A 460 8.57 -21.77 29.09
N GLY A 461 8.97 -21.19 27.96
CA GLY A 461 10.21 -21.58 27.30
C GLY A 461 10.16 -23.01 26.80
N ILE A 462 11.33 -23.57 26.51
CA ILE A 462 11.42 -24.95 26.03
C ILE A 462 10.99 -25.92 27.13
N ARG A 463 10.34 -27.01 26.74
CA ARG A 463 9.79 -27.97 27.69
C ARG A 463 9.99 -29.42 27.26
N THR A 464 10.37 -29.63 26.00
CA THR A 464 10.52 -30.99 25.47
C THR A 464 11.86 -31.20 24.79
N GLY A 465 12.30 -32.46 24.76
CA GLY A 465 13.54 -32.82 24.10
C GLY A 465 13.47 -32.54 22.61
N TYR A 466 12.28 -32.73 22.04
CA TYR A 466 12.05 -32.46 20.63
C TYR A 466 12.34 -31.00 20.31
N GLN A 467 11.73 -30.10 21.09
CA GLN A 467 11.96 -28.67 20.93
C GLN A 467 13.43 -28.32 21.06
N ALA A 468 14.05 -28.77 22.14
CA ALA A 468 15.45 -28.48 22.41
C ALA A 468 16.33 -28.96 21.26
N LYS A 469 16.00 -30.13 20.71
CA LYS A 469 16.79 -30.72 19.64
C LYS A 469 16.75 -29.91 18.35
N GLN A 470 15.57 -29.44 17.96
CA GLN A 470 15.46 -28.66 16.74
C GLN A 470 16.23 -27.34 16.90
N VAL A 471 16.17 -26.75 18.09
CA VAL A 471 16.90 -25.52 18.35
C VAL A 471 18.40 -25.74 18.29
N ARG A 472 18.86 -26.87 18.85
CA ARG A 472 20.28 -27.23 18.79
C ARG A 472 20.74 -27.37 17.35
N ARG A 473 19.92 -28.05 16.55
CA ARG A 473 20.21 -28.22 15.12
C ARG A 473 20.35 -26.89 14.41
N TRP A 474 19.35 -26.04 14.55
CA TRP A 474 19.32 -24.75 13.86
C TRP A 474 20.50 -23.87 14.27
N ARG A 475 20.88 -23.92 15.54
CA ARG A 475 22.05 -23.17 16.02
C ARG A 475 23.33 -23.73 15.41
N ARG A 476 23.43 -25.05 15.35
CA ARG A 476 24.59 -25.71 14.76
C ARG A 476 24.71 -25.37 13.28
N GLN A 477 23.59 -25.01 12.66
CA GLN A 477 23.57 -24.61 11.25
C GLN A 477 24.00 -23.16 11.08
N GLY A 478 24.10 -22.43 12.18
CA GLY A 478 24.49 -21.02 12.14
C GLY A 478 23.34 -20.08 12.43
N VAL A 479 22.12 -20.59 12.35
CA VAL A 479 20.95 -19.75 12.57
C VAL A 479 20.93 -19.22 14.00
N GLN A 480 20.96 -17.90 14.14
CA GLN A 480 20.73 -17.29 15.45
C GLN A 480 19.29 -17.53 15.89
N VAL A 481 19.10 -18.47 16.82
CA VAL A 481 17.77 -18.80 17.33
C VAL A 481 17.63 -18.42 18.79
N GLN A 482 16.79 -17.42 19.05
CA GLN A 482 16.47 -17.01 20.42
C GLN A 482 15.13 -17.60 20.85
N VAL A 483 15.08 -18.07 22.10
CA VAL A 483 13.84 -18.53 22.69
C VAL A 483 13.42 -17.55 23.79
N SER A 484 12.33 -16.83 23.51
CA SER A 484 11.87 -15.76 24.39
C SER A 484 10.63 -16.16 25.19
N THR A 485 10.37 -15.41 26.27
CA THR A 485 9.18 -15.62 27.09
C THR A 485 8.36 -14.33 27.21
N SER A 486 8.69 -13.33 26.38
CA SER A 486 7.97 -12.06 26.42
C SER A 486 6.52 -12.25 25.94
N ASN A 487 5.59 -12.32 26.88
CA ASN A 487 4.20 -12.56 26.54
C ASN A 487 3.59 -11.43 25.72
N ILE A 488 3.22 -11.74 24.47
CA ILE A 488 2.62 -10.76 23.57
C ILE A 488 1.24 -10.30 24.02
N SER A 489 0.59 -11.07 24.90
CA SER A 489 -0.75 -10.72 25.35
C SER A 489 -0.75 -9.40 26.11
N SER A 490 0.44 -8.98 26.55
CA SER A 490 0.63 -7.69 27.21
C SER A 490 1.40 -6.76 26.28
N LEU A 491 1.10 -5.46 26.34
CA LEU A 491 1.80 -4.50 25.49
C LEU A 491 3.26 -4.39 25.89
N GLU A 492 3.54 -4.50 27.18
CA GLU A 492 4.91 -4.43 27.67
C GLU A 492 5.74 -5.62 27.18
N GLY A 493 5.20 -6.83 27.37
CA GLY A 493 5.85 -8.04 26.90
C GLY A 493 6.03 -7.99 25.40
N ALA A 494 5.02 -7.51 24.70
CA ALA A 494 5.10 -7.31 23.26
C ALA A 494 6.29 -6.43 22.92
N ARG A 495 6.28 -5.20 23.43
CA ARG A 495 7.37 -4.24 23.18
C ARG A 495 8.74 -4.85 23.44
N GLY A 496 8.84 -5.67 24.49
CA GLY A 496 10.09 -6.35 24.80
C GLY A 496 10.49 -7.34 23.72
N LEU A 497 9.49 -8.01 23.14
CA LEU A 497 9.75 -9.03 22.14
C LEU A 497 10.41 -8.46 20.88
N ILE A 498 9.85 -7.35 20.38
CA ILE A 498 10.42 -6.72 19.18
C ILE A 498 11.79 -6.14 19.50
N ALA A 499 12.01 -5.74 20.74
CA ALA A 499 13.33 -5.28 21.17
C ALA A 499 14.35 -6.40 21.02
N GLU A 500 13.98 -7.59 21.47
CA GLU A 500 14.84 -8.76 21.32
C GLU A 500 15.18 -9.01 19.86
N ALA A 501 14.13 -9.11 19.03
CA ALA A 501 14.32 -9.35 17.60
C ALA A 501 15.19 -8.27 16.97
N ALA A 502 14.98 -7.03 17.41
CA ALA A 502 15.73 -5.89 16.89
C ALA A 502 17.22 -6.05 17.19
N GLN A 503 17.54 -6.53 18.40
CA GLN A 503 18.93 -6.73 18.80
C GLN A 503 19.65 -7.68 17.84
N LEU A 504 18.90 -8.51 17.15
CA LEU A 504 19.47 -9.41 16.13
C LEU A 504 19.46 -8.73 14.76
N GLY A 505 18.41 -7.97 14.49
CA GLY A 505 18.29 -7.29 13.22
C GLY A 505 16.89 -6.73 12.97
N PRO A 506 16.73 -5.94 11.91
CA PRO A 506 15.43 -5.32 11.62
C PRO A 506 14.32 -6.36 11.40
N VAL A 507 13.30 -6.32 12.26
CA VAL A 507 12.13 -7.17 12.11
C VAL A 507 11.55 -7.12 10.69
N GLY A 508 11.64 -8.24 10.00
CA GLY A 508 11.08 -8.38 8.66
C GLY A 508 9.72 -9.05 8.66
N GLY A 509 9.40 -9.77 9.72
CA GLY A 509 8.13 -10.47 9.79
C GLY A 509 7.73 -10.99 11.15
N VAL A 510 6.42 -11.02 11.40
CA VAL A 510 5.87 -11.60 12.62
C VAL A 510 4.79 -12.62 12.25
N PHE A 511 4.73 -13.70 13.03
CA PHE A 511 3.82 -14.82 12.78
C PHE A 511 3.14 -15.27 14.07
N ASN A 512 1.88 -14.89 14.27
CA ASN A 512 1.21 -15.26 15.51
C ASN A 512 0.60 -16.65 15.45
N LEU A 513 1.32 -17.63 15.99
CA LEU A 513 0.82 -19.01 16.05
C LEU A 513 0.44 -19.41 17.48
N ALA A 514 0.48 -18.45 18.40
CA ALA A 514 0.13 -18.72 19.78
C ALA A 514 -1.35 -19.05 19.92
N VAL A 515 -1.68 -19.97 20.81
CA VAL A 515 -3.06 -20.37 21.04
C VAL A 515 -3.23 -21.02 22.40
N VAL A 516 -4.36 -20.70 23.04
CA VAL A 516 -4.79 -21.37 24.26
C VAL A 516 -6.22 -21.84 24.04
N LEU A 517 -6.48 -23.10 24.38
CA LEU A 517 -7.81 -23.67 24.19
C LEU A 517 -8.55 -23.80 25.51
N ARG A 518 -9.84 -23.47 25.47
CA ARG A 518 -10.74 -23.64 26.60
C ARG A 518 -12.07 -24.12 26.05
N ASP A 519 -12.02 -25.26 25.36
CA ASP A 519 -13.18 -25.80 24.66
C ASP A 519 -14.32 -26.14 25.60
N GLY A 520 -15.50 -26.29 25.04
CA GLY A 520 -16.70 -26.60 25.80
C GLY A 520 -17.88 -25.81 25.29
N LEU A 521 -19.06 -26.39 25.40
CA LEU A 521 -20.30 -25.69 25.05
C LEU A 521 -20.43 -24.43 25.89
N LEU A 522 -21.16 -23.45 25.35
CA LEU A 522 -21.28 -22.15 26.01
C LEU A 522 -21.84 -22.31 27.41
N GLU A 523 -22.75 -23.27 27.59
CA GLU A 523 -23.33 -23.53 28.92
C GLU A 523 -22.25 -23.91 29.93
N ASN A 524 -21.10 -24.38 29.43
CA ASN A 524 -19.98 -24.75 30.29
C ASN A 524 -18.83 -23.75 30.19
N GLN A 525 -19.08 -22.62 29.53
CA GLN A 525 -18.07 -21.57 29.38
C GLN A 525 -18.15 -20.51 30.49
N THR A 526 -17.09 -19.72 30.58
CA THR A 526 -17.03 -18.60 31.52
C THR A 526 -16.35 -17.41 30.86
N PRO A 527 -16.59 -16.20 31.40
CA PRO A 527 -15.90 -15.01 30.88
C PRO A 527 -14.38 -15.16 30.99
N GLU A 528 -13.93 -15.80 32.06
CA GLU A 528 -12.50 -15.99 32.30
C GLU A 528 -11.88 -16.89 31.23
N PHE A 529 -12.57 -17.96 30.87
CA PHE A 529 -12.11 -18.84 29.79
C PHE A 529 -12.01 -18.08 28.48
N PHE A 530 -12.99 -17.24 28.20
CA PHE A 530 -12.98 -16.41 26.99
C PHE A 530 -11.76 -15.49 27.00
N GLN A 531 -11.46 -14.92 28.17
CA GLN A 531 -10.30 -14.05 28.32
C GLN A 531 -9.00 -14.81 28.06
N ASP A 532 -8.91 -16.03 28.60
CA ASP A 532 -7.74 -16.87 28.38
C ASP A 532 -7.49 -17.11 26.89
N VAL A 533 -8.53 -17.56 26.19
CA VAL A 533 -8.43 -17.88 24.78
C VAL A 533 -8.10 -16.64 23.93
N CYS A 534 -8.61 -15.49 24.35
CA CYS A 534 -8.41 -14.25 23.59
C CYS A 534 -7.06 -13.58 23.88
N LYS A 535 -6.44 -13.96 25.00
CA LYS A 535 -5.17 -13.37 25.41
C LYS A 535 -4.09 -13.44 24.32
N PRO A 536 -3.74 -14.66 23.88
CA PRO A 536 -2.66 -14.80 22.90
C PRO A 536 -3.06 -14.37 21.48
N LYS A 537 -4.34 -14.46 21.17
CA LYS A 537 -4.84 -14.20 19.82
C LYS A 537 -5.33 -12.76 19.66
N TYR A 538 -6.34 -12.38 20.43
CA TYR A 538 -6.94 -11.06 20.28
C TYR A 538 -6.00 -9.98 20.83
N SER A 539 -5.73 -10.04 22.14
CA SER A 539 -4.86 -9.05 22.77
C SER A 539 -3.47 -9.10 22.16
N GLY A 540 -2.98 -10.31 21.90
CA GLY A 540 -1.67 -10.49 21.30
C GLY A 540 -1.51 -9.80 19.96
N THR A 541 -2.49 -9.98 19.07
CA THR A 541 -2.40 -9.40 17.73
C THR A 541 -2.63 -7.90 17.76
N LEU A 542 -3.42 -7.42 18.72
CA LEU A 542 -3.58 -5.98 18.90
C LEU A 542 -2.24 -5.34 19.24
N ASN A 543 -1.56 -5.92 20.22
CA ASN A 543 -0.27 -5.41 20.66
C ASN A 543 0.79 -5.52 19.57
N LEU A 544 0.76 -6.62 18.83
CA LEU A 544 1.68 -6.80 17.71
C LEU A 544 1.41 -5.78 16.61
N ASP A 545 0.15 -5.46 16.37
CA ASP A 545 -0.20 -4.45 15.39
C ASP A 545 0.36 -3.10 15.81
N ARG A 546 0.07 -2.73 17.06
CA ARG A 546 0.49 -1.45 17.61
C ARG A 546 2.01 -1.26 17.55
N VAL A 547 2.77 -2.21 18.06
CA VAL A 547 4.22 -2.04 18.16
C VAL A 547 4.92 -2.13 16.80
N THR A 548 4.44 -2.96 15.89
CA THR A 548 5.07 -3.05 14.57
C THR A 548 4.81 -1.78 13.78
N ARG A 549 3.65 -1.16 14.03
CA ARG A 549 3.34 0.12 13.41
C ARG A 549 4.32 1.19 13.89
N GLU A 550 4.67 1.13 15.16
CA GLU A 550 5.55 2.13 15.77
C GLU A 550 7.03 1.90 15.48
N ALA A 551 7.47 0.65 15.57
CA ALA A 551 8.91 0.34 15.66
C ALA A 551 9.42 -0.69 14.65
N CYS A 552 8.58 -1.11 13.70
CA CYS A 552 9.01 -2.09 12.70
C CYS A 552 8.75 -1.61 11.27
N PRO A 553 9.52 -0.60 10.84
CA PRO A 553 9.29 0.02 9.53
C PRO A 553 9.77 -0.84 8.37
N GLU A 554 10.48 -1.94 8.68
CA GLU A 554 10.95 -2.87 7.64
C GLU A 554 10.16 -4.17 7.68
N LEU A 555 9.11 -4.22 8.52
CA LEU A 555 8.24 -5.39 8.56
C LEU A 555 7.65 -5.68 7.17
N ASP A 556 7.93 -6.88 6.66
CA ASP A 556 7.36 -7.33 5.39
C ASP A 556 6.14 -8.23 5.59
N TYR A 557 6.16 -9.03 6.67
CA TYR A 557 5.09 -9.98 6.94
C TYR A 557 4.41 -9.73 8.28
N PHE A 558 3.08 -9.79 8.26
CA PHE A 558 2.27 -9.78 9.47
C PHE A 558 1.18 -10.84 9.34
N VAL A 559 1.51 -12.06 9.77
CA VAL A 559 0.67 -13.23 9.49
C VAL A 559 0.09 -13.84 10.76
N VAL A 560 -1.24 -13.98 10.79
CA VAL A 560 -1.91 -14.69 11.88
C VAL A 560 -2.52 -15.98 11.35
N PHE A 561 -2.51 -17.02 12.18
CA PHE A 561 -3.11 -18.30 11.82
C PHE A 561 -4.49 -18.45 12.44
N SER A 562 -5.50 -18.31 11.60
CA SER A 562 -6.89 -18.50 12.01
C SER A 562 -7.30 -19.93 11.68
N SER A 563 -8.61 -20.19 11.71
CA SER A 563 -9.11 -21.55 11.58
C SER A 563 -10.49 -21.61 10.95
N VAL A 564 -10.84 -22.78 10.42
CA VAL A 564 -12.18 -23.04 9.91
C VAL A 564 -13.21 -22.97 11.03
N SER A 565 -12.73 -23.10 12.27
CA SER A 565 -13.61 -22.98 13.42
C SER A 565 -14.19 -21.57 13.44
N CYS A 566 -13.37 -20.59 13.08
CA CYS A 566 -13.83 -19.21 12.94
C CYS A 566 -14.57 -19.00 11.62
N GLY A 567 -13.91 -19.35 10.52
CA GLY A 567 -14.46 -19.09 9.21
C GLY A 567 -15.72 -19.87 8.87
N ARG A 568 -15.91 -21.01 9.54
CA ARG A 568 -17.04 -21.88 9.24
C ARG A 568 -17.90 -22.14 10.47
N GLY A 569 -17.26 -22.32 11.62
CA GLY A 569 -17.96 -22.61 12.86
C GLY A 569 -17.65 -24.01 13.38
N ASN A 570 -17.59 -24.13 14.71
CA ASN A 570 -17.41 -25.43 15.34
C ASN A 570 -17.95 -25.45 16.77
N ALA A 571 -18.95 -26.31 16.99
CA ALA A 571 -19.56 -26.44 18.31
C ALA A 571 -18.52 -26.67 19.39
N GLY A 572 -18.61 -25.90 20.47
CA GLY A 572 -17.72 -26.05 21.60
C GLY A 572 -16.46 -25.22 21.53
N GLN A 573 -16.37 -24.34 20.53
CA GLN A 573 -15.18 -23.49 20.36
C GLN A 573 -15.55 -22.04 20.07
N SER A 574 -16.59 -21.54 20.72
CA SER A 574 -17.10 -20.20 20.44
C SER A 574 -16.08 -19.12 20.82
N ASN A 575 -15.41 -19.29 21.96
CA ASN A 575 -14.38 -18.36 22.39
C ASN A 575 -13.22 -18.32 21.38
N TYR A 576 -12.85 -19.51 20.92
CA TYR A 576 -11.79 -19.69 19.93
C TYR A 576 -12.16 -19.01 18.61
N GLY A 577 -13.40 -19.20 18.18
CA GLY A 577 -13.90 -18.58 16.97
C GLY A 577 -13.89 -17.06 17.08
N PHE A 578 -14.26 -16.57 18.26
CA PHE A 578 -14.23 -15.14 18.55
C PHE A 578 -12.81 -14.57 18.42
N ALA A 579 -11.86 -15.21 19.09
CA ALA A 579 -10.46 -14.74 19.09
C ALA A 579 -9.89 -14.67 17.67
N ASN A 580 -10.03 -15.76 16.93
CA ASN A 580 -9.58 -15.83 15.54
C ASN A 580 -10.22 -14.74 14.68
N SER A 581 -11.53 -14.59 14.81
CA SER A 581 -12.28 -13.63 14.01
C SER A 581 -11.79 -12.21 14.26
N ALA A 582 -11.48 -11.93 15.52
CA ALA A 582 -10.97 -10.61 15.89
C ALA A 582 -9.62 -10.35 15.22
N MET A 583 -8.78 -11.38 15.15
CA MET A 583 -7.49 -11.26 14.49
C MET A 583 -7.68 -10.91 13.02
N GLU A 584 -8.68 -11.52 12.40
CA GLU A 584 -8.96 -11.25 10.99
C GLU A 584 -9.34 -9.80 10.77
N ARG A 585 -10.18 -9.26 11.65
CA ARG A 585 -10.60 -7.87 11.54
C ARG A 585 -9.40 -6.92 11.64
N ILE A 586 -8.49 -7.23 12.56
CA ILE A 586 -7.27 -6.44 12.71
C ILE A 586 -6.45 -6.45 11.43
N CYS A 587 -6.29 -7.64 10.85
CA CYS A 587 -5.52 -7.78 9.61
C CYS A 587 -6.13 -6.95 8.48
N GLU A 588 -7.45 -6.93 8.43
CA GLU A 588 -8.15 -6.18 7.39
C GLU A 588 -7.89 -4.68 7.51
N LYS A 589 -7.97 -4.16 8.73
CA LYS A 589 -7.66 -2.76 8.98
C LYS A 589 -6.22 -2.44 8.58
N ARG A 590 -5.30 -3.33 8.93
CA ARG A 590 -3.89 -3.14 8.60
C ARG A 590 -3.67 -3.07 7.09
N ARG A 591 -4.29 -3.97 6.35
CA ARG A 591 -4.15 -3.98 4.89
C ARG A 591 -4.76 -2.71 4.30
N HIS A 592 -5.87 -2.27 4.87
CA HIS A 592 -6.53 -1.07 4.40
C HIS A 592 -5.62 0.15 4.50
N GLU A 593 -4.78 0.17 5.54
CA GLU A 593 -3.83 1.26 5.73
C GLU A 593 -2.48 0.94 5.09
N GLY A 594 -2.47 0.03 4.12
CA GLY A 594 -1.28 -0.27 3.35
C GLY A 594 -0.24 -1.11 4.08
N LEU A 595 -0.47 -1.38 5.37
CA LEU A 595 0.45 -2.18 6.15
C LEU A 595 0.31 -3.66 5.80
N PRO A 596 1.36 -4.46 6.05
CA PRO A 596 1.25 -5.90 5.80
C PRO A 596 0.24 -6.57 6.74
N GLY A 597 -0.46 -7.58 6.25
CA GLY A 597 -1.47 -8.25 7.04
C GLY A 597 -2.09 -9.45 6.33
N LEU A 598 -2.20 -10.56 7.04
CA LEU A 598 -2.75 -11.78 6.46
C LEU A 598 -3.22 -12.76 7.53
N ALA A 599 -4.52 -13.05 7.50
CA ALA A 599 -5.07 -14.13 8.30
C ALA A 599 -5.24 -15.37 7.42
N VAL A 600 -4.86 -16.52 7.95
CA VAL A 600 -5.02 -17.78 7.21
C VAL A 600 -5.93 -18.74 7.96
N GLN A 601 -7.14 -18.91 7.46
CA GLN A 601 -8.06 -19.88 8.05
C GLN A 601 -7.64 -21.30 7.67
N TRP A 602 -6.93 -21.97 8.57
CA TRP A 602 -6.52 -23.35 8.33
C TRP A 602 -7.61 -24.34 8.73
N GLY A 603 -7.76 -25.40 7.93
CA GLY A 603 -8.52 -26.55 8.34
C GLY A 603 -7.62 -27.46 9.17
N ALA A 604 -8.04 -28.69 9.40
CA ALA A 604 -7.24 -29.67 10.13
C ALA A 604 -5.81 -29.76 9.57
N ILE A 605 -4.83 -29.84 10.46
CA ILE A 605 -3.42 -29.90 10.06
C ILE A 605 -2.78 -31.19 10.58
N GLY A 606 -2.24 -31.99 9.68
CA GLY A 606 -1.66 -33.27 10.03
C GLY A 606 -0.20 -33.13 10.45
N ASP A 607 0.47 -34.26 10.64
CA ASP A 607 1.90 -34.32 11.00
C ASP A 607 2.18 -33.78 12.41
N VAL A 608 2.09 -32.47 12.59
CA VAL A 608 2.32 -31.83 13.88
C VAL A 608 1.11 -31.00 14.31
N GLY A 609 1.17 -30.45 15.52
CA GLY A 609 0.12 -29.59 16.03
C GLY A 609 -0.72 -30.26 17.11
N ILE A 610 -1.75 -29.56 17.57
CA ILE A 610 -2.60 -30.06 18.65
C ILE A 610 -3.43 -31.25 18.19
N LEU A 611 -4.00 -31.15 16.99
CA LEU A 611 -4.94 -32.15 16.48
C LEU A 611 -4.32 -33.54 16.41
N VAL A 612 -3.17 -33.65 15.75
CA VAL A 612 -2.49 -34.93 15.59
C VAL A 612 -2.16 -35.57 16.95
N GLU A 613 -2.13 -34.75 17.99
CA GLU A 613 -1.92 -35.25 19.35
C GLU A 613 -3.17 -35.95 19.86
N THR A 614 -4.28 -35.77 19.15
CA THR A 614 -5.55 -36.42 19.52
C THR A 614 -6.54 -36.40 18.35
N MET A 615 -6.26 -37.13 17.27
CA MET A 615 -5.09 -38.00 17.16
C MET A 615 -4.87 -38.47 15.72
N SER A 616 -3.63 -38.82 15.41
CA SER A 616 -3.27 -39.47 14.15
C SER A 616 -3.28 -38.49 12.96
N THR A 617 -2.45 -38.79 11.97
CA THR A 617 -2.29 -37.92 10.79
C THR A 617 -3.33 -38.24 9.73
N ASN A 618 -3.13 -39.33 8.99
CA ASN A 618 -3.97 -39.66 7.85
C ASN A 618 -5.39 -40.07 8.23
N ASP A 619 -5.53 -41.33 8.63
CA ASP A 619 -6.83 -41.98 8.84
C ASP A 619 -7.99 -41.10 9.35
N THR A 620 -7.75 -40.30 10.38
CA THR A 620 -8.83 -39.58 11.08
C THR A 620 -9.51 -38.50 10.25
N ILE A 621 -10.58 -38.87 9.55
CA ILE A 621 -11.41 -37.89 8.88
C ILE A 621 -12.03 -36.96 9.92
N VAL A 622 -11.89 -35.65 9.72
CA VAL A 622 -12.39 -34.64 10.65
C VAL A 622 -13.54 -33.85 10.03
N SER A 623 -14.78 -34.19 10.39
CA SER A 623 -15.96 -33.52 9.84
C SER A 623 -15.94 -33.46 8.32
N GLY A 624 -15.68 -34.59 7.68
CA GLY A 624 -15.69 -34.68 6.23
C GLY A 624 -14.50 -34.04 5.55
N THR A 625 -13.45 -33.77 6.32
CA THR A 625 -12.21 -33.21 5.77
C THR A 625 -11.02 -33.99 6.31
N LEU A 626 -9.87 -33.84 5.66
CA LEU A 626 -8.65 -34.56 6.02
C LEU A 626 -7.61 -33.60 6.61
N PRO A 627 -6.85 -34.06 7.62
CA PRO A 627 -5.73 -33.26 8.09
C PRO A 627 -4.74 -32.95 6.96
N GLN A 628 -4.53 -31.67 6.70
CA GLN A 628 -3.65 -31.27 5.60
C GLN A 628 -2.19 -31.54 5.96
N ARG A 629 -1.54 -32.39 5.17
CA ARG A 629 -0.12 -32.69 5.37
C ARG A 629 0.72 -31.40 5.35
N MET A 630 1.74 -31.36 6.21
CA MET A 630 2.55 -30.17 6.40
C MET A 630 3.22 -29.72 5.10
N ALA A 631 3.54 -30.67 4.23
CA ALA A 631 4.13 -30.35 2.93
C ALA A 631 3.18 -29.48 2.15
N SER A 632 1.93 -29.92 2.06
CA SER A 632 0.89 -29.14 1.40
C SER A 632 0.70 -27.79 2.08
N CYS A 633 0.68 -27.80 3.41
CA CYS A 633 0.46 -26.59 4.18
C CYS A 633 1.48 -25.51 3.84
N LEU A 634 2.76 -25.89 3.84
CA LEU A 634 3.83 -24.95 3.57
C LEU A 634 3.80 -24.49 2.11
N GLU A 635 3.49 -25.41 1.20
CA GLU A 635 3.36 -25.06 -0.21
C GLU A 635 2.26 -24.03 -0.41
N VAL A 636 1.14 -24.22 0.30
CA VAL A 636 0.00 -23.30 0.24
C VAL A 636 0.36 -21.97 0.89
N LEU A 637 1.11 -22.03 1.99
CA LEU A 637 1.53 -20.83 2.70
C LEU A 637 2.41 -19.96 1.81
N ASP A 638 3.24 -20.61 1.01
CA ASP A 638 4.11 -19.91 0.07
C ASP A 638 3.26 -19.13 -0.93
N LEU A 639 2.25 -19.79 -1.48
CA LEU A 639 1.33 -19.14 -2.42
C LEU A 639 0.59 -17.98 -1.76
N PHE A 640 0.15 -18.18 -0.52
CA PHE A 640 -0.65 -17.19 0.19
C PHE A 640 0.15 -15.95 0.57
N LEU A 641 1.40 -16.13 0.98
CA LEU A 641 2.24 -15.01 1.40
C LEU A 641 2.45 -14.03 0.26
N ASN A 642 2.27 -14.51 -0.97
CA ASN A 642 2.41 -13.66 -2.15
C ASN A 642 1.06 -13.34 -2.78
N GLN A 643 0.05 -13.13 -1.92
CA GLN A 643 -1.28 -12.68 -2.37
C GLN A 643 -1.60 -11.31 -1.76
N PRO A 644 -2.42 -10.52 -2.47
CA PRO A 644 -2.84 -9.20 -1.96
C PRO A 644 -4.09 -9.27 -1.08
N HIS A 645 -4.60 -10.47 -0.83
CA HIS A 645 -5.84 -10.65 -0.11
C HIS A 645 -5.63 -10.64 1.40
N MET A 646 -6.63 -10.18 2.13
CA MET A 646 -6.53 -9.95 3.57
C MET A 646 -6.74 -11.23 4.38
N VAL A 647 -7.65 -12.08 3.92
CA VAL A 647 -7.99 -13.30 4.64
C VAL A 647 -8.12 -14.46 3.66
N LEU A 648 -7.39 -15.54 3.93
CA LEU A 648 -7.36 -16.69 3.03
C LEU A 648 -7.70 -17.96 3.80
N SER A 649 -8.14 -18.98 3.06
CA SER A 649 -8.60 -20.23 3.65
C SER A 649 -8.02 -21.43 2.92
N SER A 650 -7.70 -22.48 3.68
CA SER A 650 -7.17 -23.71 3.10
C SER A 650 -7.63 -24.92 3.90
N PHE A 651 -8.23 -25.89 3.20
CA PHE A 651 -8.61 -27.15 3.82
C PHE A 651 -8.67 -28.23 2.75
N VAL A 652 -8.72 -29.49 3.19
CA VAL A 652 -8.72 -30.64 2.29
C VAL A 652 -9.98 -31.47 2.50
N LEU A 653 -10.77 -31.60 1.45
CA LEU A 653 -12.03 -32.34 1.51
C LEU A 653 -11.80 -33.85 1.46
N ALA A 654 -12.50 -34.59 2.32
CA ALA A 654 -12.39 -36.05 2.32
C ALA A 654 -13.19 -36.66 1.16
N GLU A 655 -12.90 -37.92 0.85
CA GLU A 655 -13.57 -38.63 -0.23
C GLU A 655 -13.27 -37.99 -1.58
N GLU B 1 36.52 -6.52 -8.16
CA GLU B 1 35.43 -5.59 -8.42
C GLU B 1 35.21 -4.66 -7.21
N GLN B 2 35.23 -3.37 -7.46
CA GLN B 2 35.05 -2.37 -6.41
C GLN B 2 33.58 -2.01 -6.25
N GLN B 3 33.24 -1.44 -5.09
CA GLN B 3 31.88 -0.98 -4.83
C GLN B 3 31.54 0.23 -5.69
N VAL B 4 30.25 0.43 -5.92
CA VAL B 4 29.77 1.55 -6.73
C VAL B 4 28.86 2.46 -5.90
N PRO B 5 29.47 3.35 -5.11
CA PRO B 5 28.67 4.21 -4.22
C PRO B 5 27.88 5.28 -4.94
N ILE B 6 26.76 5.69 -4.35
CA ILE B 6 25.99 6.81 -4.85
C ILE B 6 26.53 8.09 -4.23
N LEU B 7 26.91 9.04 -5.07
CA LEU B 7 27.56 10.26 -4.63
C LEU B 7 26.73 11.50 -4.96
N GLU B 8 26.37 12.25 -3.92
CA GLU B 8 25.50 13.41 -4.09
C GLU B 8 26.03 14.65 -3.38
N LYS B 9 25.57 15.81 -3.83
CA LYS B 9 25.83 17.07 -3.15
C LYS B 9 24.55 17.55 -2.46
N PHE B 10 24.71 18.07 -1.25
CA PHE B 10 23.61 18.55 -0.42
C PHE B 10 23.57 20.08 -0.49
N CYS B 11 22.54 20.61 -1.15
CA CYS B 11 22.47 22.04 -1.45
C CYS B 11 21.15 22.67 -0.99
N PHE B 12 21.23 23.90 -0.48
CA PHE B 12 20.03 24.69 -0.24
C PHE B 12 19.36 24.97 -1.58
N THR B 13 18.07 24.67 -1.67
CA THR B 13 17.32 24.78 -2.91
C THR B 13 16.09 25.65 -2.70
N PRO B 14 16.05 26.84 -3.33
CA PRO B 14 14.86 27.68 -3.18
C PRO B 14 13.62 27.00 -3.74
N HIS B 15 12.47 27.23 -3.11
CA HIS B 15 11.22 26.67 -3.60
C HIS B 15 10.96 27.14 -5.03
N THR B 16 11.19 28.44 -5.27
CA THR B 16 11.00 29.03 -6.58
C THR B 16 12.34 29.25 -7.28
N GLU B 17 12.46 28.76 -8.51
CA GLU B 17 13.66 28.96 -9.31
C GLU B 17 13.30 29.26 -10.76
N GLU B 18 13.71 30.43 -11.23
CA GLU B 18 13.43 30.86 -12.60
C GLU B 18 14.71 31.01 -13.42
N GLY B 19 14.57 31.05 -14.73
CA GLY B 19 15.70 31.18 -15.64
C GLY B 19 16.56 29.93 -15.65
N CYS B 20 15.93 28.80 -15.43
CA CYS B 20 16.63 27.52 -15.39
C CYS B 20 17.04 27.07 -16.78
N LEU B 21 18.15 26.34 -16.85
CA LEU B 21 18.66 25.73 -18.09
C LEU B 21 19.25 26.77 -19.04
N SER B 22 19.38 28.00 -18.59
CA SER B 22 19.91 29.08 -19.42
C SER B 22 21.37 28.85 -19.80
N GLU B 23 22.06 27.98 -19.06
CA GLU B 23 23.46 27.68 -19.35
C GLU B 23 23.58 26.61 -20.43
N ARG B 24 22.52 25.85 -20.66
CA ARG B 24 22.55 24.79 -21.67
C ARG B 24 22.47 25.36 -23.09
N ALA B 25 23.64 25.49 -23.73
CA ALA B 25 23.71 26.06 -25.08
C ALA B 25 22.98 25.20 -26.11
N ALA B 26 22.94 23.90 -25.89
CA ALA B 26 22.25 22.98 -26.80
C ALA B 26 20.75 23.27 -26.87
N LEU B 27 20.22 23.81 -25.78
CA LEU B 27 18.81 24.18 -25.71
C LEU B 27 18.60 25.58 -26.28
N GLN B 28 19.53 26.48 -25.96
CA GLN B 28 19.50 27.83 -26.52
C GLN B 28 19.47 27.78 -28.05
N GLU B 29 20.40 27.02 -28.61
CA GLU B 29 20.52 26.88 -30.06
C GLU B 29 19.26 26.26 -30.66
N GLU B 30 18.78 25.18 -30.06
CA GLU B 30 17.62 24.47 -30.60
C GLU B 30 16.39 25.37 -30.59
N LEU B 31 16.25 26.17 -29.54
CA LEU B 31 15.11 27.06 -29.41
C LEU B 31 15.10 28.09 -30.55
N GLN B 32 16.26 28.64 -30.86
CA GLN B 32 16.36 29.62 -31.93
C GLN B 32 16.05 28.98 -33.28
N LEU B 33 16.51 27.75 -33.47
CA LEU B 33 16.20 27.00 -34.69
C LEU B 33 14.68 26.84 -34.87
N CYS B 34 14.02 26.39 -33.81
CA CYS B 34 12.58 26.16 -33.84
C CYS B 34 11.80 27.44 -34.12
N LYS B 35 12.24 28.53 -33.48
CA LYS B 35 11.62 29.83 -33.70
C LYS B 35 11.74 30.26 -35.15
N GLY B 36 12.92 30.02 -35.73
CA GLY B 36 13.14 30.32 -37.13
C GLY B 36 12.17 29.57 -38.04
N LEU B 37 12.02 28.27 -37.81
CA LEU B 37 11.18 27.43 -38.66
C LEU B 37 9.70 27.82 -38.58
N VAL B 38 9.20 28.07 -37.36
CA VAL B 38 7.79 28.45 -37.22
C VAL B 38 7.56 29.81 -37.88
N GLN B 39 8.50 30.73 -37.69
CA GLN B 39 8.41 32.05 -38.30
C GLN B 39 8.35 31.94 -39.83
N ALA B 40 9.03 30.93 -40.38
CA ALA B 40 8.96 30.67 -41.81
C ALA B 40 7.57 30.19 -42.19
N LEU B 41 7.01 29.29 -41.39
CA LEU B 41 5.67 28.78 -41.63
C LEU B 41 4.61 29.86 -41.39
N GLY B 59 20.09 12.33 -41.56
CA GLY B 59 20.82 11.86 -40.41
C GLY B 59 20.04 10.80 -39.65
N ALA B 60 20.66 9.62 -39.47
CA ALA B 60 20.03 8.50 -38.79
C ALA B 60 20.86 8.04 -37.59
N GLN B 61 21.65 8.95 -37.04
CA GLN B 61 22.47 8.66 -35.87
C GLN B 61 21.88 9.34 -34.63
N ILE B 62 22.42 9.03 -33.45
CA ILE B 62 21.92 9.63 -32.22
C ILE B 62 21.94 11.15 -32.36
N PRO B 63 20.79 11.82 -32.09
CA PRO B 63 20.69 13.27 -32.28
C PRO B 63 21.71 14.09 -31.48
N ARG B 64 22.84 14.42 -32.11
CA ARG B 64 23.89 15.20 -31.47
C ARG B 64 23.63 16.68 -31.67
N ASP B 65 23.46 17.08 -32.93
CA ASP B 65 23.18 18.46 -33.26
C ASP B 65 21.74 18.82 -32.88
N PRO B 66 21.49 20.12 -32.55
CA PRO B 66 20.12 20.56 -32.27
C PRO B 66 19.20 20.34 -33.46
N SER B 67 19.75 20.46 -34.67
CA SER B 67 18.98 20.31 -35.90
C SER B 67 18.40 18.92 -36.05
N GLN B 68 18.96 17.96 -35.33
CA GLN B 68 18.56 16.56 -35.43
C GLN B 68 17.63 16.12 -34.30
N GLN B 69 17.26 17.05 -33.42
CA GLN B 69 16.39 16.70 -32.30
C GLN B 69 14.95 16.46 -32.78
N GLU B 70 14.11 15.93 -31.90
CA GLU B 70 12.77 15.49 -32.26
C GLU B 70 11.87 16.62 -32.77
N LEU B 71 11.80 17.72 -32.02
CA LEU B 71 10.89 18.81 -32.37
C LEU B 71 11.30 19.48 -33.68
N PRO B 72 12.60 19.76 -33.86
CA PRO B 72 13.03 20.28 -35.16
C PRO B 72 12.73 19.34 -36.33
N ARG B 73 12.92 18.04 -36.13
CA ARG B 73 12.63 17.08 -37.19
C ARG B 73 11.13 17.09 -37.54
N LEU B 74 10.29 17.21 -36.52
CA LEU B 74 8.86 17.33 -36.73
C LEU B 74 8.53 18.58 -37.54
N LEU B 75 9.16 19.70 -37.17
CA LEU B 75 8.99 20.95 -37.90
C LEU B 75 9.41 20.80 -39.36
N SER B 76 10.50 20.06 -39.59
CA SER B 76 10.99 19.81 -40.95
C SER B 76 9.94 19.08 -41.78
N ALA B 77 9.33 18.06 -41.19
CA ALA B 77 8.26 17.32 -41.87
C ALA B 77 7.07 18.24 -42.12
N ALA B 78 6.84 19.19 -41.22
CA ALA B 78 5.76 20.15 -41.35
C ALA B 78 6.03 21.15 -42.47
N CYS B 79 7.30 21.34 -42.80
CA CYS B 79 7.69 22.18 -43.92
C CYS B 79 7.46 21.43 -45.23
N ARG B 80 7.85 20.16 -45.25
CA ARG B 80 7.68 19.32 -46.42
C ARG B 80 6.20 19.18 -46.78
N LEU B 81 5.38 18.79 -45.82
CA LEU B 81 3.95 18.64 -46.06
C LEU B 81 3.29 19.98 -46.36
N GLN B 82 3.84 21.05 -45.78
CA GLN B 82 3.38 22.40 -46.10
C GLN B 82 3.56 22.69 -47.59
N LEU B 83 4.70 22.29 -48.13
CA LEU B 83 5.00 22.51 -49.54
C LEU B 83 4.26 21.51 -50.44
N ASN B 84 4.13 20.27 -49.99
CA ASN B 84 3.49 19.22 -50.77
C ASN B 84 2.06 19.56 -51.18
N GLY B 85 1.17 19.61 -50.19
CA GLY B 85 -0.24 19.79 -50.43
C GLY B 85 -1.06 19.21 -49.29
N ASN B 86 -0.43 18.33 -48.52
CA ASN B 86 -1.04 17.79 -47.31
C ASN B 86 -1.50 18.91 -46.39
N LEU B 87 -0.59 19.85 -46.12
CA LEU B 87 -0.90 21.10 -45.43
C LEU B 87 -1.80 20.91 -44.20
N GLN B 88 -2.91 21.63 -44.15
CA GLN B 88 -3.82 21.58 -43.01
C GLN B 88 -4.53 20.23 -42.91
N LEU B 89 -4.54 19.49 -44.00
CA LEU B 89 -5.21 18.19 -44.03
C LEU B 89 -4.38 17.11 -43.34
N GLU B 90 -3.20 16.83 -43.88
CA GLU B 90 -2.35 15.76 -43.36
C GLU B 90 -1.44 16.22 -42.22
N LEU B 91 -1.50 17.52 -41.91
CA LEU B 91 -0.78 18.05 -40.74
C LEU B 91 -1.15 17.25 -39.51
N ALA B 92 -2.39 17.43 -39.05
CA ALA B 92 -2.92 16.73 -37.88
C ALA B 92 -2.62 15.22 -37.91
N GLN B 93 -2.31 14.69 -39.08
CA GLN B 93 -1.99 13.27 -39.22
C GLN B 93 -0.60 12.92 -38.71
N VAL B 94 0.42 13.67 -39.14
CA VAL B 94 1.80 13.35 -38.80
C VAL B 94 2.05 13.51 -37.30
N LEU B 95 1.27 14.38 -36.68
CA LEU B 95 1.36 14.60 -35.24
C LEU B 95 1.07 13.30 -34.49
N ALA B 96 0.14 12.51 -35.02
CA ALA B 96 -0.21 11.23 -34.42
C ALA B 96 0.93 10.23 -34.55
N GLN B 97 1.84 10.50 -35.48
CA GLN B 97 2.97 9.60 -35.76
C GLN B 97 4.30 10.18 -35.27
N GLU B 98 4.23 11.28 -34.51
CA GLU B 98 5.43 11.89 -33.93
C GLU B 98 5.26 12.12 -32.42
N ARG B 99 4.01 12.16 -31.99
CA ARG B 99 3.66 12.40 -30.59
C ARG B 99 4.32 11.42 -29.60
N PRO B 100 4.47 10.13 -29.97
CA PRO B 100 5.09 9.24 -28.99
C PRO B 100 6.61 9.44 -28.82
N LYS B 101 7.20 10.34 -29.60
CA LYS B 101 8.65 10.57 -29.55
C LYS B 101 9.00 11.99 -29.07
N LEU B 102 8.06 12.90 -29.24
CA LEU B 102 8.24 14.30 -28.83
C LEU B 102 8.60 14.49 -27.34
N PRO B 103 8.05 13.65 -26.45
CA PRO B 103 8.30 13.86 -25.02
C PRO B 103 9.77 13.81 -24.61
N GLU B 104 10.64 13.26 -25.45
CA GLU B 104 12.06 13.18 -25.10
C GLU B 104 12.88 14.27 -25.79
N ASP B 105 12.21 15.15 -26.53
CA ASP B 105 12.88 16.32 -27.07
C ASP B 105 13.52 17.12 -25.93
N PRO B 106 14.81 17.47 -26.05
CA PRO B 106 15.52 18.19 -24.98
C PRO B 106 14.77 19.40 -24.44
N LEU B 107 14.23 20.25 -25.32
CA LEU B 107 13.47 21.42 -24.87
C LEU B 107 12.21 21.02 -24.12
N LEU B 108 11.47 20.07 -24.68
CA LEU B 108 10.20 19.65 -24.10
C LEU B 108 10.37 18.81 -22.84
N SER B 109 11.60 18.38 -22.57
CA SER B 109 11.89 17.59 -21.38
C SER B 109 13.06 18.18 -20.58
N GLY B 110 13.26 19.48 -20.72
CA GLY B 110 14.37 20.16 -20.08
C GLY B 110 14.35 20.05 -18.57
N LEU B 111 13.26 20.50 -17.95
CA LEU B 111 13.13 20.49 -16.49
C LEU B 111 13.03 19.06 -15.96
N LEU B 112 12.58 18.15 -16.81
CA LEU B 112 12.45 16.74 -16.44
C LEU B 112 13.82 16.06 -16.42
N ASP B 113 14.69 16.48 -17.34
CA ASP B 113 16.05 15.95 -17.39
C ASP B 113 16.96 16.61 -16.34
N SER B 114 16.62 17.84 -15.97
CA SER B 114 17.38 18.58 -14.97
C SER B 114 17.10 18.05 -13.57
N PRO B 115 17.84 18.54 -12.57
CA PRO B 115 17.58 18.18 -11.16
C PRO B 115 16.30 18.82 -10.62
N ALA B 116 15.64 19.66 -11.43
CA ALA B 116 14.39 20.28 -11.02
C ALA B 116 13.36 19.23 -10.66
N LEU B 117 13.27 18.19 -11.48
CA LEU B 117 12.31 17.11 -11.23
C LEU B 117 12.61 16.39 -9.92
N LYS B 118 13.88 16.04 -9.70
CA LYS B 118 14.29 15.32 -8.50
C LYS B 118 13.97 16.14 -7.26
N ALA B 119 14.14 17.46 -7.37
CA ALA B 119 13.91 18.37 -6.25
C ALA B 119 12.44 18.39 -5.85
N CYS B 120 11.54 18.39 -6.83
CA CYS B 120 10.11 18.40 -6.54
C CYS B 120 9.69 17.08 -5.91
N LEU B 121 10.17 15.97 -6.49
CA LEU B 121 9.82 14.65 -5.98
C LEU B 121 10.29 14.44 -4.55
N ASP B 122 11.53 14.82 -4.27
CA ASP B 122 12.09 14.66 -2.93
C ASP B 122 11.37 15.52 -1.91
N THR B 123 10.84 16.66 -2.35
CA THR B 123 10.04 17.50 -1.47
C THR B 123 8.76 16.78 -1.10
N ALA B 124 8.15 16.09 -2.06
CA ALA B 124 6.92 15.33 -1.79
C ALA B 124 7.20 14.20 -0.79
N VAL B 125 8.24 13.41 -1.07
CA VAL B 125 8.63 12.31 -0.21
C VAL B 125 8.86 12.80 1.21
N GLU B 126 9.58 13.91 1.33
CA GLU B 126 9.94 14.49 2.62
C GLU B 126 8.71 14.85 3.45
N ASN B 127 7.59 15.08 2.78
CA ASN B 127 6.35 15.47 3.45
C ASN B 127 5.34 14.34 3.52
N MET B 128 5.79 13.12 3.22
CA MET B 128 4.97 11.93 3.44
C MET B 128 5.01 11.55 4.93
N PRO B 129 3.90 11.03 5.46
CA PRO B 129 3.86 10.63 6.87
C PRO B 129 4.61 9.33 7.17
N SER B 130 4.81 8.49 6.15
CA SER B 130 5.53 7.24 6.32
C SER B 130 6.42 6.96 5.10
N LEU B 131 7.05 5.79 5.08
CA LEU B 131 7.94 5.41 3.98
C LEU B 131 7.17 4.76 2.85
N LYS B 132 5.93 5.20 2.65
CA LYS B 132 5.08 4.75 1.56
C LYS B 132 4.67 5.93 0.71
N MET B 133 4.29 5.66 -0.54
CA MET B 133 3.89 6.73 -1.44
C MET B 133 3.08 6.21 -2.62
N LYS B 134 1.80 6.57 -2.65
CA LYS B 134 0.92 6.21 -3.74
C LYS B 134 0.94 7.30 -4.80
N VAL B 135 1.42 6.94 -5.99
CA VAL B 135 1.58 7.88 -7.08
C VAL B 135 0.69 7.49 -8.26
N VAL B 136 0.03 8.50 -8.84
CA VAL B 136 -0.82 8.29 -10.00
C VAL B 136 -0.44 9.30 -11.08
N GLU B 137 -0.15 8.79 -12.27
CA GLU B 137 0.15 9.67 -13.40
C GLU B 137 -1.10 9.86 -14.26
N VAL B 138 -1.34 11.11 -14.65
CA VAL B 138 -2.47 11.45 -15.49
C VAL B 138 -1.99 11.69 -16.92
N LEU B 139 -2.64 11.04 -17.87
CA LEU B 139 -2.26 11.11 -19.28
C LEU B 139 -0.83 10.62 -19.48
N ALA B 140 -0.56 9.39 -19.01
CA ALA B 140 0.77 8.81 -19.09
C ALA B 140 1.14 8.45 -20.53
N GLY B 141 0.14 8.38 -21.39
CA GLY B 141 0.34 7.96 -22.76
C GLY B 141 1.17 8.93 -23.59
N HIS B 142 1.25 10.18 -23.15
CA HIS B 142 2.03 11.20 -23.85
C HIS B 142 2.96 11.97 -22.91
N GLY B 143 2.77 11.78 -21.60
CA GLY B 143 3.63 12.42 -20.62
C GLY B 143 4.82 11.55 -20.29
N HIS B 144 4.56 10.25 -20.10
CA HIS B 144 5.60 9.25 -19.92
C HIS B 144 6.50 9.54 -18.72
N LEU B 145 5.92 9.94 -17.60
CA LEU B 145 6.72 10.22 -16.40
C LEU B 145 7.14 8.93 -15.70
N TYR B 146 6.32 7.88 -15.84
CA TYR B 146 6.66 6.56 -15.31
C TYR B 146 8.03 6.06 -15.76
N SER B 147 8.56 6.62 -16.84
CA SER B 147 9.87 6.24 -17.33
C SER B 147 10.99 7.01 -16.62
N ARG B 148 10.62 7.87 -15.68
CA ARG B 148 11.58 8.70 -14.97
C ARG B 148 11.49 8.57 -13.45
N ILE B 149 10.28 8.72 -12.91
CA ILE B 149 10.10 8.86 -11.47
C ILE B 149 10.57 7.64 -10.67
N PRO B 150 10.21 6.43 -11.12
CA PRO B 150 10.67 5.24 -10.38
C PRO B 150 12.19 5.15 -10.32
N GLY B 151 12.86 5.54 -11.40
CA GLY B 151 14.31 5.50 -11.45
C GLY B 151 14.97 6.55 -10.58
N LEU B 152 14.29 7.68 -10.40
CA LEU B 152 14.83 8.78 -9.60
C LEU B 152 14.66 8.55 -8.10
N LEU B 153 13.68 7.73 -7.73
CA LEU B 153 13.39 7.46 -6.31
C LEU B 153 13.95 6.12 -5.84
N SER B 154 14.49 5.34 -6.76
CA SER B 154 15.07 4.03 -6.44
C SER B 154 16.28 4.10 -5.51
N PRO B 155 17.03 5.22 -5.52
CA PRO B 155 18.14 5.27 -4.55
C PRO B 155 17.67 5.23 -3.10
N HIS B 156 16.45 5.68 -2.84
CA HIS B 156 15.91 5.60 -1.48
C HIS B 156 15.81 4.13 -1.06
N PRO B 157 16.60 3.72 -0.05
CA PRO B 157 16.72 2.28 0.24
C PRO B 157 15.50 1.65 0.93
N LEU B 158 14.55 2.45 1.42
CA LEU B 158 13.39 1.92 2.15
C LEU B 158 12.05 2.41 1.59
N LEU B 159 12.09 3.41 0.73
CA LEU B 159 10.85 3.96 0.16
C LEU B 159 10.07 2.90 -0.62
N GLN B 160 8.85 2.63 -0.15
CA GLN B 160 7.94 1.73 -0.86
C GLN B 160 7.04 2.51 -1.80
N LEU B 161 7.32 2.42 -3.10
CA LEU B 161 6.59 3.18 -4.11
C LEU B 161 5.48 2.36 -4.75
N SER B 162 4.29 2.95 -4.82
CA SER B 162 3.17 2.35 -5.54
C SER B 162 2.72 3.27 -6.67
N TYR B 163 3.24 3.02 -7.86
CA TYR B 163 3.03 3.89 -9.01
C TYR B 163 2.01 3.30 -9.98
N THR B 164 1.03 4.12 -10.37
CA THR B 164 -0.02 3.69 -11.30
C THR B 164 -0.12 4.67 -12.47
N ALA B 165 0.16 4.18 -13.67
CA ALA B 165 0.02 4.97 -14.89
C ALA B 165 -1.41 4.88 -15.42
N THR B 166 -2.00 6.02 -15.73
CA THR B 166 -3.37 6.06 -16.24
C THR B 166 -3.48 6.96 -17.46
N ASP B 167 -4.48 6.68 -18.29
CA ASP B 167 -4.76 7.50 -19.47
C ASP B 167 -6.16 7.18 -20.00
N ARG B 168 -6.64 8.00 -20.92
CA ARG B 168 -7.98 7.87 -21.49
C ARG B 168 -8.24 6.49 -22.09
N HIS B 169 -7.39 6.08 -23.03
CA HIS B 169 -7.58 4.82 -23.76
C HIS B 169 -6.37 3.90 -23.64
N PRO B 170 -6.59 2.64 -23.21
CA PRO B 170 -5.48 1.67 -23.06
C PRO B 170 -4.53 1.57 -24.25
N GLN B 171 -5.00 2.01 -25.42
CA GLN B 171 -4.17 2.02 -26.62
C GLN B 171 -2.90 2.85 -26.42
N ALA B 172 -3.06 4.02 -25.80
CA ALA B 172 -1.96 4.94 -25.59
C ALA B 172 -0.80 4.31 -24.80
N LEU B 173 -1.13 3.30 -24.00
CA LEU B 173 -0.14 2.61 -23.17
C LEU B 173 0.14 1.19 -23.68
N GLU B 174 -0.51 0.81 -24.77
CA GLU B 174 -0.39 -0.54 -25.32
C GLU B 174 1.04 -0.92 -25.71
N ALA B 175 1.89 0.07 -25.90
CA ALA B 175 3.27 -0.17 -26.33
C ALA B 175 4.24 -0.17 -25.15
N ALA B 176 3.82 0.44 -24.05
CA ALA B 176 4.70 0.63 -22.90
C ALA B 176 4.75 -0.61 -22.01
N GLN B 177 3.90 -1.58 -22.28
CA GLN B 177 3.72 -2.78 -21.44
C GLN B 177 5.04 -3.35 -20.91
N ALA B 178 6.01 -3.50 -21.78
CA ALA B 178 7.31 -4.07 -21.42
C ALA B 178 7.97 -3.30 -20.28
N GLU B 179 8.24 -2.01 -20.51
CA GLU B 179 8.93 -1.20 -19.52
C GLU B 179 8.05 -0.95 -18.30
N LEU B 180 6.73 -0.96 -18.50
CA LEU B 180 5.80 -0.83 -17.38
C LEU B 180 5.99 -2.00 -16.42
N GLN B 181 6.08 -3.21 -16.97
CA GLN B 181 6.37 -4.38 -16.15
C GLN B 181 7.75 -4.25 -15.51
N GLN B 182 8.73 -3.82 -16.29
CA GLN B 182 10.10 -3.66 -15.82
C GLN B 182 10.19 -2.75 -14.60
N HIS B 183 9.46 -1.63 -14.62
CA HIS B 183 9.48 -0.67 -13.53
C HIS B 183 8.42 -1.00 -12.48
N ASP B 184 7.69 -2.09 -12.69
CA ASP B 184 6.65 -2.52 -11.76
C ASP B 184 5.57 -1.45 -11.59
N VAL B 185 5.19 -0.84 -12.70
CA VAL B 185 4.16 0.19 -12.71
C VAL B 185 2.80 -0.41 -13.08
N ALA B 186 1.77 -0.04 -12.32
CA ALA B 186 0.41 -0.52 -12.56
C ALA B 186 -0.29 0.36 -13.59
N GLN B 187 -1.34 -0.18 -14.20
CA GLN B 187 -2.09 0.54 -15.22
C GLN B 187 -3.54 0.78 -14.81
N GLY B 188 -4.14 1.81 -15.39
CA GLY B 188 -5.53 2.13 -15.13
C GLY B 188 -6.09 3.00 -16.23
N GLN B 189 -7.41 3.13 -16.29
CA GLN B 189 -8.07 3.98 -17.27
C GLN B 189 -8.69 5.17 -16.58
N TRP B 190 -8.38 6.38 -17.07
CA TRP B 190 -8.96 7.59 -16.50
C TRP B 190 -8.89 8.76 -17.47
N ASP B 191 -10.04 9.36 -17.73
CA ASP B 191 -10.12 10.61 -18.46
C ASP B 191 -10.27 11.74 -17.45
N PRO B 192 -9.24 12.62 -17.33
CA PRO B 192 -9.27 13.62 -16.25
C PRO B 192 -10.52 14.51 -16.25
N ALA B 193 -11.27 14.51 -17.35
CA ALA B 193 -12.52 15.24 -17.42
C ALA B 193 -13.51 14.73 -16.35
N ASP B 194 -13.57 13.42 -16.19
CA ASP B 194 -14.43 12.80 -15.19
C ASP B 194 -13.69 12.53 -13.88
N PRO B 195 -14.44 12.27 -12.80
CA PRO B 195 -13.84 11.87 -11.51
C PRO B 195 -12.97 10.62 -11.63
N ALA B 196 -11.96 10.50 -10.78
CA ALA B 196 -11.03 9.39 -10.84
C ALA B 196 -11.68 8.08 -10.39
N PRO B 197 -11.32 6.96 -11.03
CA PRO B 197 -11.79 5.68 -10.52
C PRO B 197 -11.43 5.52 -9.05
N SER B 198 -12.41 5.18 -8.22
CA SER B 198 -12.24 5.06 -6.77
C SER B 198 -10.91 4.46 -6.30
N ALA B 199 -10.39 3.51 -7.06
CA ALA B 199 -9.17 2.79 -6.67
C ALA B 199 -7.92 3.67 -6.67
N LEU B 200 -8.01 4.83 -7.33
CA LEU B 200 -6.90 5.77 -7.38
C LEU B 200 -7.06 6.89 -6.35
N GLY B 201 -8.12 6.81 -5.55
CA GLY B 201 -8.39 7.82 -4.55
C GLY B 201 -7.35 7.85 -3.44
N SER B 202 -7.34 8.95 -2.68
CA SER B 202 -6.42 9.13 -1.57
C SER B 202 -4.97 8.99 -2.04
N ALA B 203 -4.64 9.68 -3.13
CA ALA B 203 -3.30 9.61 -3.71
C ALA B 203 -2.34 10.59 -3.03
N ASP B 204 -1.20 10.07 -2.62
CA ASP B 204 -0.14 10.89 -2.04
C ASP B 204 0.39 11.91 -3.03
N LEU B 205 0.60 11.46 -4.26
CA LEU B 205 1.17 12.30 -5.31
C LEU B 205 0.50 12.06 -6.65
N LEU B 206 0.13 13.13 -7.32
CA LEU B 206 -0.37 13.06 -8.69
C LEU B 206 0.61 13.77 -9.59
N VAL B 207 0.85 13.21 -10.78
CA VAL B 207 1.78 13.80 -11.73
C VAL B 207 1.16 13.86 -13.12
N CYS B 208 1.45 14.94 -13.84
CA CYS B 208 0.97 15.08 -15.20
C CYS B 208 1.91 15.95 -16.03
N ASN B 209 2.43 15.36 -17.10
CA ASN B 209 3.28 16.06 -18.05
C ASN B 209 2.48 16.45 -19.28
N CYS B 210 1.90 17.64 -19.26
CA CYS B 210 1.05 18.11 -20.35
C CYS B 210 1.78 19.13 -21.22
N ALA B 211 3.09 18.95 -21.37
CA ALA B 211 3.87 19.75 -22.29
C ALA B 211 3.50 19.37 -23.71
N VAL B 212 3.10 18.10 -23.89
CA VAL B 212 2.74 17.58 -25.21
C VAL B 212 1.39 16.85 -25.14
N ALA B 213 0.97 16.48 -23.93
CA ALA B 213 -0.28 15.75 -23.73
C ALA B 213 -1.48 16.69 -23.70
N ALA B 214 -2.43 16.48 -24.60
CA ALA B 214 -3.64 17.29 -24.65
C ALA B 214 -4.45 17.19 -23.37
N LEU B 215 -4.37 18.21 -22.53
CA LEU B 215 -5.06 18.20 -21.25
C LEU B 215 -6.55 18.45 -21.40
N GLY B 216 -6.92 19.25 -22.40
CA GLY B 216 -8.31 19.66 -22.56
C GLY B 216 -8.67 20.73 -21.55
N ASP B 217 -9.95 20.81 -21.19
CA ASP B 217 -10.41 21.81 -20.24
C ASP B 217 -9.68 21.65 -18.90
N PRO B 218 -8.78 22.61 -18.56
CA PRO B 218 -7.99 22.46 -17.34
C PRO B 218 -8.82 22.67 -16.07
N ALA B 219 -9.86 23.49 -16.15
CA ALA B 219 -10.70 23.79 -14.99
C ALA B 219 -11.32 22.53 -14.40
N SER B 220 -11.91 21.70 -15.24
CA SER B 220 -12.52 20.46 -14.78
C SER B 220 -11.43 19.45 -14.41
N ALA B 221 -10.45 19.29 -15.28
CA ALA B 221 -9.36 18.34 -15.07
C ALA B 221 -8.70 18.50 -13.70
N LEU B 222 -8.35 19.72 -13.34
CA LEU B 222 -7.69 19.98 -12.07
C LEU B 222 -8.60 19.66 -10.89
N SER B 223 -9.89 19.94 -11.03
CA SER B 223 -10.86 19.63 -9.98
C SER B 223 -10.82 18.14 -9.65
N ASN B 224 -10.90 17.31 -10.69
CA ASN B 224 -10.88 15.87 -10.51
C ASN B 224 -9.53 15.37 -9.98
N MET B 225 -8.45 16.02 -10.39
CA MET B 225 -7.12 15.65 -9.89
C MET B 225 -7.01 15.94 -8.39
N VAL B 226 -7.45 17.12 -7.98
CA VAL B 226 -7.44 17.49 -6.57
C VAL B 226 -8.31 16.52 -5.77
N ALA B 227 -9.50 16.22 -6.30
CA ALA B 227 -10.40 15.28 -5.65
C ALA B 227 -9.73 13.91 -5.47
N ALA B 228 -8.90 13.54 -6.44
CA ALA B 228 -8.19 12.26 -6.38
C ALA B 228 -7.11 12.28 -5.31
N LEU B 229 -6.61 13.47 -4.98
CA LEU B 229 -5.55 13.59 -3.98
C LEU B 229 -6.09 13.46 -2.54
N ARG B 230 -5.26 12.89 -1.68
CA ARG B 230 -5.51 12.87 -0.25
C ARG B 230 -5.15 14.23 0.35
N GLU B 231 -5.83 14.65 1.41
CA GLU B 231 -5.54 15.94 2.05
C GLU B 231 -4.09 16.04 2.53
N GLY B 232 -3.32 16.93 1.89
CA GLY B 232 -1.90 17.08 2.16
C GLY B 232 -1.04 16.52 1.04
N GLY B 233 -1.71 15.92 0.07
CA GLY B 233 -1.05 15.30 -1.07
C GLY B 233 -0.62 16.35 -2.08
N PHE B 234 0.21 15.93 -3.04
CA PHE B 234 0.83 16.87 -3.96
C PHE B 234 0.39 16.64 -5.40
N LEU B 235 0.37 17.73 -6.17
CA LEU B 235 0.16 17.67 -7.61
C LEU B 235 1.36 18.28 -8.33
N LEU B 236 1.99 17.50 -9.19
CA LEU B 236 3.15 17.96 -9.94
C LEU B 236 2.81 18.07 -11.41
N LEU B 237 2.77 19.31 -11.90
CA LEU B 237 2.43 19.59 -13.29
C LEU B 237 3.64 20.09 -14.07
N HIS B 238 3.98 19.40 -15.15
CA HIS B 238 4.91 19.95 -16.13
C HIS B 238 4.10 20.47 -17.31
N THR B 239 4.29 21.74 -17.65
CA THR B 239 3.52 22.36 -18.73
C THR B 239 4.31 23.46 -19.44
N LEU B 240 3.69 24.03 -20.46
CA LEU B 240 4.28 25.12 -21.24
C LEU B 240 3.46 26.39 -21.07
N LEU B 241 4.11 27.48 -20.71
CA LEU B 241 3.42 28.76 -20.50
C LEU B 241 3.09 29.41 -21.85
N ARG B 242 1.90 30.00 -21.93
CA ARG B 242 1.41 30.58 -23.17
C ARG B 242 2.18 31.82 -23.60
N GLY B 243 2.62 32.61 -22.62
CA GLY B 243 3.34 33.84 -22.90
C GLY B 243 4.83 33.64 -23.11
N HIS B 244 5.19 32.57 -23.80
CA HIS B 244 6.59 32.24 -24.02
C HIS B 244 6.79 31.54 -25.37
N PRO B 245 8.03 31.51 -25.88
CA PRO B 245 8.33 31.00 -27.22
C PRO B 245 7.90 29.55 -27.48
N LEU B 246 8.34 28.63 -26.64
CA LEU B 246 8.05 27.21 -26.86
C LEU B 246 6.56 26.94 -26.78
N GLY B 247 5.88 27.64 -25.88
CA GLY B 247 4.43 27.55 -25.76
C GLY B 247 3.76 27.98 -27.06
N ASP B 248 4.22 29.09 -27.62
CA ASP B 248 3.70 29.57 -28.89
C ASP B 248 3.90 28.55 -30.00
N ILE B 249 5.08 27.94 -30.04
CA ILE B 249 5.42 26.96 -31.06
C ILE B 249 4.48 25.75 -31.02
N VAL B 250 4.38 25.13 -29.85
CA VAL B 250 3.54 23.95 -29.68
C VAL B 250 2.07 24.31 -29.92
N ALA B 251 1.67 25.49 -29.48
CA ALA B 251 0.30 25.96 -29.67
C ALA B 251 -0.03 26.05 -31.16
N PHE B 252 0.84 26.75 -31.89
CA PHE B 252 0.63 26.97 -33.33
C PHE B 252 0.37 25.67 -34.08
N LEU B 253 1.28 24.71 -33.96
CA LEU B 253 1.16 23.47 -34.73
C LEU B 253 0.21 22.47 -34.06
N THR B 254 -0.52 22.92 -33.04
CA THR B 254 -1.56 22.11 -32.42
C THR B 254 -2.91 22.81 -32.55
N GLY B 261 -7.60 19.45 -27.55
CA GLY B 261 -6.88 20.70 -27.42
C GLY B 261 -5.79 20.62 -26.37
N GLN B 262 -4.67 21.28 -26.64
CA GLN B 262 -3.53 21.30 -25.71
C GLN B 262 -3.65 22.43 -24.71
N GLY B 263 -3.73 22.09 -23.43
CA GLY B 263 -3.88 23.08 -22.37
C GLY B 263 -2.63 23.91 -22.14
N ILE B 264 -2.51 25.01 -22.88
CA ILE B 264 -1.38 25.93 -22.75
C ILE B 264 -1.86 27.25 -22.15
N LEU B 265 -1.59 27.43 -20.86
CA LEU B 265 -2.09 28.59 -20.12
C LEU B 265 -0.97 29.44 -19.57
N SER B 266 -1.20 30.74 -19.50
CA SER B 266 -0.28 31.67 -18.86
C SER B 266 -0.09 31.31 -17.39
N GLN B 267 0.94 31.87 -16.77
CA GLN B 267 1.20 31.59 -15.36
C GLN B 267 0.08 32.15 -14.48
N ASP B 268 -0.41 33.34 -14.81
CA ASP B 268 -1.50 33.96 -14.06
C ASP B 268 -2.79 33.17 -14.23
N ALA B 269 -2.97 32.55 -15.39
CA ALA B 269 -4.12 31.68 -15.61
C ALA B 269 -4.02 30.46 -14.71
N TRP B 270 -2.85 29.82 -14.73
CA TRP B 270 -2.60 28.65 -13.89
C TRP B 270 -2.80 28.94 -12.40
N GLU B 271 -2.27 30.07 -11.93
CA GLU B 271 -2.29 30.38 -10.50
C GLU B 271 -3.69 30.69 -10.00
N SER B 272 -4.44 31.52 -10.72
CA SER B 272 -5.81 31.83 -10.35
C SER B 272 -6.65 30.55 -10.40
N LEU B 273 -6.34 29.69 -11.37
CA LEU B 273 -7.02 28.41 -11.50
C LEU B 273 -6.74 27.52 -10.28
N PHE B 274 -5.48 27.50 -9.84
CA PHE B 274 -5.08 26.75 -8.65
C PHE B 274 -5.90 27.20 -7.44
N SER B 275 -6.04 28.51 -7.27
CA SER B 275 -6.79 29.05 -6.14
C SER B 275 -8.25 28.63 -6.23
N ARG B 276 -8.81 28.68 -7.43
CA ARG B 276 -10.20 28.30 -7.65
C ARG B 276 -10.49 26.87 -7.17
N VAL B 277 -9.52 25.98 -7.34
CA VAL B 277 -9.70 24.58 -6.93
C VAL B 277 -9.07 24.27 -5.58
N SER B 278 -8.70 25.32 -4.83
CA SER B 278 -8.13 25.18 -3.49
C SER B 278 -6.76 24.47 -3.49
N LEU B 279 -5.99 24.65 -4.54
CA LEU B 279 -4.61 24.17 -4.58
C LEU B 279 -3.64 25.26 -4.15
N ARG B 280 -2.69 24.91 -3.29
CA ARG B 280 -1.66 25.84 -2.86
C ARG B 280 -0.34 25.52 -3.55
N LEU B 281 0.22 26.54 -4.19
CA LEU B 281 1.50 26.41 -4.89
C LEU B 281 2.65 26.46 -3.90
N VAL B 282 3.43 25.37 -3.82
CA VAL B 282 4.51 25.25 -2.85
C VAL B 282 5.89 25.09 -3.52
N GLY B 283 5.88 24.90 -4.83
CA GLY B 283 7.12 24.80 -5.60
C GLY B 283 6.90 25.31 -7.01
N LEU B 284 7.95 25.86 -7.60
CA LEU B 284 7.85 26.46 -8.93
C LEU B 284 9.20 26.54 -9.63
N LYS B 285 9.38 25.74 -10.68
CA LYS B 285 10.59 25.76 -11.48
C LYS B 285 10.26 26.22 -12.90
N LYS B 286 10.84 27.34 -13.32
CA LYS B 286 10.65 27.88 -14.67
C LYS B 286 11.97 27.90 -15.45
N SER B 287 11.95 27.34 -16.65
CA SER B 287 13.12 27.42 -17.52
C SER B 287 13.11 28.75 -18.24
N PHE B 288 14.17 29.04 -18.98
CA PHE B 288 14.30 30.34 -19.63
C PHE B 288 13.41 30.48 -20.86
N TYR B 289 12.72 29.41 -21.24
CA TYR B 289 11.90 29.42 -22.46
C TYR B 289 10.44 29.04 -22.20
N GLY B 290 10.04 29.00 -20.92
CA GLY B 290 8.63 28.94 -20.58
C GLY B 290 8.09 27.63 -20.05
N SER B 291 8.86 26.54 -20.14
CA SER B 291 8.40 25.28 -19.57
C SER B 291 8.45 25.41 -18.05
N THR B 292 7.52 24.75 -17.36
CA THR B 292 7.32 25.00 -15.94
C THR B 292 6.95 23.74 -15.17
N LEU B 293 7.51 23.61 -13.97
CA LEU B 293 7.12 22.56 -13.03
C LEU B 293 6.40 23.18 -11.83
N PHE B 294 5.08 23.07 -11.83
CA PHE B 294 4.27 23.48 -10.69
C PHE B 294 4.20 22.37 -9.67
N LEU B 295 4.62 22.64 -8.43
CA LEU B 295 4.38 21.73 -7.32
C LEU B 295 3.29 22.30 -6.43
N CYS B 296 2.10 21.73 -6.54
CA CYS B 296 0.94 22.18 -5.77
C CYS B 296 0.57 21.15 -4.71
N ARG B 297 -0.18 21.58 -3.71
CA ARG B 297 -0.56 20.71 -2.60
C ARG B 297 -2.01 20.98 -2.17
N ARG B 298 -2.72 19.90 -1.83
CA ARG B 298 -4.06 20.02 -1.28
C ARG B 298 -3.96 20.28 0.23
N PRO B 299 -4.66 21.32 0.73
CA PRO B 299 -4.53 21.70 2.15
C PRO B 299 -4.80 20.58 3.14
N THR B 300 -4.08 20.62 4.26
CA THR B 300 -4.24 19.65 5.33
C THR B 300 -5.27 20.16 6.35
N PRO B 301 -5.79 19.28 7.20
CA PRO B 301 -6.75 19.73 8.22
C PRO B 301 -6.19 20.82 9.14
N GLN B 302 -6.64 22.05 8.94
CA GLN B 302 -6.17 23.18 9.73
C GLN B 302 -6.36 22.93 11.23
N ASP B 303 -5.26 22.80 11.94
CA ASP B 303 -5.28 22.64 13.39
C ASP B 303 -4.38 23.69 14.04
N SER B 304 -4.79 24.20 15.20
CA SER B 304 -4.06 25.27 15.88
C SER B 304 -2.60 24.85 16.13
N PRO B 305 -1.65 25.50 15.44
CA PRO B 305 -0.25 25.04 15.53
C PRO B 305 0.42 25.37 16.86
N ILE B 306 1.38 24.54 17.25
CA ILE B 306 2.21 24.78 18.42
C ILE B 306 3.57 25.28 17.95
N PHE B 307 4.12 26.26 18.66
CA PHE B 307 5.41 26.84 18.32
C PHE B 307 6.41 26.63 19.46
N LEU B 308 7.53 25.98 19.15
CA LEU B 308 8.56 25.70 20.14
C LEU B 308 9.92 26.24 19.68
N PRO B 309 10.47 27.23 20.40
CA PRO B 309 11.84 27.68 20.08
C PRO B 309 12.88 26.63 20.45
N VAL B 310 13.89 26.45 19.59
CA VAL B 310 14.93 25.46 19.80
C VAL B 310 16.33 26.08 19.82
N ASP B 311 16.39 27.38 20.07
CA ASP B 311 17.66 28.09 20.10
C ASP B 311 18.36 27.97 21.46
N ASP B 312 17.59 27.71 22.50
CA ASP B 312 18.15 27.55 23.85
C ASP B 312 19.30 26.55 23.86
N THR B 313 20.47 27.03 24.27
CA THR B 313 21.68 26.21 24.30
C THR B 313 21.66 25.17 25.41
N SER B 314 20.85 25.41 26.44
CA SER B 314 20.72 24.47 27.56
C SER B 314 20.01 23.20 27.13
N PHE B 315 19.36 23.25 25.97
CA PHE B 315 18.57 22.13 25.43
C PHE B 315 17.38 21.81 26.34
N ARG B 316 16.89 22.81 27.06
CA ARG B 316 15.69 22.65 27.88
C ARG B 316 14.48 22.37 26.99
N TRP B 317 14.54 22.89 25.76
CA TRP B 317 13.47 22.67 24.80
C TRP B 317 13.29 21.18 24.52
N VAL B 318 14.30 20.37 24.83
CA VAL B 318 14.18 18.93 24.70
C VAL B 318 13.07 18.42 25.62
N GLU B 319 13.08 18.87 26.87
CA GLU B 319 12.06 18.47 27.84
C GLU B 319 10.68 18.90 27.36
N SER B 320 10.60 20.13 26.86
CA SER B 320 9.35 20.65 26.32
C SER B 320 8.84 19.76 25.18
N LEU B 321 9.74 19.36 24.30
CA LEU B 321 9.37 18.56 23.13
C LEU B 321 8.96 17.15 23.55
N LYS B 322 9.60 16.62 24.59
CA LYS B 322 9.19 15.33 25.16
C LYS B 322 7.71 15.38 25.52
N GLY B 323 7.34 16.41 26.29
CA GLY B 323 5.96 16.57 26.71
C GLY B 323 5.01 16.70 25.55
N ILE B 324 5.30 17.63 24.64
CA ILE B 324 4.44 17.89 23.49
C ILE B 324 4.13 16.61 22.71
N LEU B 325 5.18 15.86 22.38
CA LEU B 325 5.02 14.64 21.58
C LEU B 325 4.56 13.45 22.42
N ALA B 326 4.59 13.59 23.75
CA ALA B 326 4.13 12.50 24.62
C ALA B 326 2.63 12.32 24.52
N ASP B 327 1.92 13.38 24.11
CA ASP B 327 0.49 13.28 23.88
C ASP B 327 0.21 12.26 22.78
N GLU B 328 -0.25 11.07 23.19
CA GLU B 328 -0.41 9.95 22.28
C GLU B 328 -1.32 10.30 21.11
N ASP B 329 -2.46 10.93 21.42
CA ASP B 329 -3.43 11.33 20.40
C ASP B 329 -3.53 12.84 20.30
N SER B 330 -2.81 13.42 19.35
CA SER B 330 -2.86 14.85 19.09
C SER B 330 -2.48 15.15 17.65
N SER B 331 -3.35 15.89 16.96
CA SER B 331 -3.15 16.22 15.56
C SER B 331 -2.48 17.59 15.38
N ARG B 332 -2.31 18.31 16.49
CA ARG B 332 -1.72 19.65 16.41
C ARG B 332 -0.32 19.60 15.79
N PRO B 333 -0.10 20.38 14.72
CA PRO B 333 1.25 20.42 14.15
C PRO B 333 2.26 21.11 15.07
N VAL B 334 3.45 20.54 15.19
CA VAL B 334 4.49 21.06 16.07
C VAL B 334 5.59 21.73 15.25
N TRP B 335 5.73 23.05 15.41
CA TRP B 335 6.67 23.83 14.61
C TRP B 335 7.94 24.23 15.38
N LEU B 336 9.00 23.44 15.23
CA LEU B 336 10.28 23.79 15.81
C LEU B 336 10.87 25.01 15.11
N LYS B 337 11.01 26.12 15.84
CA LYS B 337 11.48 27.38 15.25
C LYS B 337 12.89 27.75 15.68
N ALA B 338 13.78 27.86 14.70
CA ALA B 338 15.16 28.30 14.94
C ALA B 338 15.40 29.61 14.20
N ILE B 339 15.20 30.73 14.91
CA ILE B 339 15.23 32.05 14.28
C ILE B 339 16.36 32.95 14.80
N ASN B 340 17.18 32.42 15.71
CA ASN B 340 18.26 33.22 16.31
C ASN B 340 19.63 32.51 16.24
N CYS B 341 19.73 31.48 15.41
CA CYS B 341 20.99 30.74 15.26
C CYS B 341 21.10 30.13 13.86
N ALA B 342 21.92 30.74 13.01
CA ALA B 342 22.07 30.29 11.62
C ALA B 342 22.73 28.91 11.54
N THR B 343 23.38 28.48 12.62
CA THR B 343 24.06 27.19 12.64
C THR B 343 23.31 26.18 13.50
N SER B 344 21.99 26.32 13.56
CA SER B 344 21.16 25.34 14.24
C SER B 344 21.14 24.03 13.47
N GLY B 345 21.11 22.92 14.19
CA GLY B 345 20.99 21.62 13.57
C GLY B 345 19.56 21.09 13.54
N VAL B 346 18.59 22.00 13.48
CA VAL B 346 17.19 21.63 13.54
C VAL B 346 16.77 20.71 12.38
N VAL B 347 17.42 20.88 11.23
CA VAL B 347 17.06 20.08 10.05
C VAL B 347 17.32 18.59 10.27
N GLY B 348 18.54 18.27 10.67
CA GLY B 348 18.89 16.89 10.97
C GLY B 348 18.05 16.34 12.08
N LEU B 349 17.75 17.19 13.07
CA LEU B 349 16.90 16.82 14.19
C LEU B 349 15.54 16.34 13.69
N VAL B 350 14.92 17.15 12.84
CA VAL B 350 13.60 16.83 12.31
C VAL B 350 13.65 15.55 11.46
N ASN B 351 14.72 15.38 10.68
CA ASN B 351 14.84 14.18 9.85
C ASN B 351 14.78 12.90 10.68
N CYS B 352 15.35 12.95 11.89
CA CYS B 352 15.34 11.80 12.77
C CYS B 352 14.00 11.65 13.50
N LEU B 353 13.45 12.76 13.97
CA LEU B 353 12.22 12.71 14.75
C LEU B 353 11.01 12.35 13.88
N ARG B 354 11.10 12.62 12.57
CA ARG B 354 10.04 12.23 11.64
C ARG B 354 9.94 10.70 11.55
N ARG B 355 11.01 10.02 11.96
CA ARG B 355 11.04 8.56 11.95
C ARG B 355 10.57 7.97 13.27
N GLU B 356 10.26 8.83 14.24
CA GLU B 356 9.85 8.40 15.57
C GLU B 356 8.35 8.68 15.78
N PRO B 357 7.73 8.01 16.77
CA PRO B 357 6.30 8.19 17.05
C PRO B 357 5.90 9.64 17.26
N GLY B 358 4.84 10.07 16.58
CA GLY B 358 4.39 11.45 16.63
C GLY B 358 5.17 12.34 15.69
N GLY B 359 6.08 11.72 14.94
CA GLY B 359 7.00 12.45 14.08
C GLY B 359 6.32 13.21 12.96
N ASN B 360 5.20 12.69 12.46
CA ASN B 360 4.52 13.32 11.34
C ASN B 360 3.90 14.65 11.74
N ARG B 361 3.78 14.89 13.05
CA ARG B 361 3.29 16.17 13.54
C ARG B 361 4.31 17.29 13.30
N LEU B 362 5.57 16.90 13.13
CA LEU B 362 6.66 17.87 13.14
C LEU B 362 6.84 18.67 11.85
N ARG B 363 7.15 19.95 12.05
CA ARG B 363 7.58 20.85 10.99
C ARG B 363 8.75 21.65 11.56
N CYS B 364 9.39 22.48 10.75
CA CYS B 364 10.37 23.41 11.30
C CYS B 364 10.59 24.63 10.43
N VAL B 365 11.03 25.70 11.10
CA VAL B 365 11.50 26.91 10.43
C VAL B 365 12.95 27.13 10.84
N LEU B 366 13.80 27.46 9.86
CA LEU B 366 15.20 27.76 10.12
C LEU B 366 15.66 29.00 9.37
N LEU B 367 15.96 30.05 10.12
CA LEU B 367 16.59 31.24 9.56
C LEU B 367 18.11 31.03 9.55
N SER B 368 18.72 31.19 8.39
CA SER B 368 20.11 30.85 8.23
C SER B 368 20.73 31.56 7.04
N ASN B 369 21.02 32.84 7.22
CA ASN B 369 21.74 33.62 6.22
C ASN B 369 23.24 33.31 6.30
N LEU B 370 23.88 33.22 5.14
CA LEU B 370 25.33 33.09 5.07
C LEU B 370 25.97 34.46 4.97
N SER B 371 25.23 35.41 4.41
CA SER B 371 25.69 36.79 4.27
C SER B 371 25.08 37.65 5.39
N SER B 372 25.95 38.34 6.13
CA SER B 372 25.52 39.11 7.30
C SER B 372 24.73 40.36 6.90
N THR B 373 24.85 40.76 5.64
CA THR B 373 24.15 41.94 5.15
C THR B 373 22.71 41.60 4.72
N SER B 374 22.31 40.36 4.95
CA SER B 374 21.01 39.88 4.46
C SER B 374 19.85 40.23 5.40
N HIS B 375 18.73 40.61 4.79
CA HIS B 375 17.51 40.88 5.53
C HIS B 375 17.04 39.66 6.31
N VAL B 376 16.82 39.83 7.60
CA VAL B 376 16.20 38.80 8.44
C VAL B 376 14.68 38.99 8.48
N PRO B 377 13.91 37.95 8.09
CA PRO B 377 12.46 38.10 7.99
C PRO B 377 11.68 37.89 9.31
N GLU B 378 10.68 38.74 9.53
CA GLU B 378 9.81 38.59 10.68
C GLU B 378 8.94 37.33 10.55
N VAL B 379 9.20 36.32 11.38
CA VAL B 379 8.46 35.07 11.32
C VAL B 379 7.78 34.71 12.65
N ASP B 380 7.50 35.71 13.47
CA ASP B 380 6.78 35.47 14.72
C ASP B 380 5.32 35.16 14.41
N PRO B 381 4.61 34.54 15.37
CA PRO B 381 3.17 34.25 15.20
C PRO B 381 2.35 35.50 14.89
N GLY B 382 1.51 35.42 13.86
CA GLY B 382 0.68 36.53 13.46
C GLY B 382 1.34 37.39 12.39
N SER B 383 2.47 36.94 11.86
CA SER B 383 3.17 37.66 10.81
C SER B 383 2.73 37.14 9.45
N ALA B 384 2.93 37.96 8.42
CA ALA B 384 2.57 37.58 7.07
C ALA B 384 3.44 36.45 6.54
N GLU B 385 4.75 36.57 6.75
CA GLU B 385 5.70 35.56 6.30
C GLU B 385 5.38 34.20 6.93
N LEU B 386 5.20 34.19 8.25
CA LEU B 386 4.90 32.96 8.97
C LEU B 386 3.59 32.35 8.47
N GLN B 387 2.63 33.20 8.13
CA GLN B 387 1.35 32.75 7.61
C GLN B 387 1.48 32.07 6.25
N LYS B 388 2.34 32.59 5.39
CA LYS B 388 2.61 31.95 4.11
C LYS B 388 3.22 30.56 4.34
N VAL B 389 4.16 30.49 5.28
CA VAL B 389 4.82 29.23 5.60
C VAL B 389 3.81 28.20 6.11
N LEU B 390 2.93 28.63 7.02
CA LEU B 390 1.94 27.72 7.59
C LEU B 390 1.01 27.17 6.51
N GLN B 391 0.58 28.04 5.60
CA GLN B 391 -0.29 27.62 4.50
C GLN B 391 0.38 26.57 3.62
N GLY B 392 1.69 26.68 3.45
CA GLY B 392 2.44 25.67 2.74
C GLY B 392 2.48 24.37 3.52
N ASP B 393 2.65 24.50 4.84
CA ASP B 393 2.70 23.36 5.75
C ASP B 393 3.81 22.37 5.38
N LEU B 394 4.90 22.88 4.82
CA LEU B 394 6.04 22.02 4.49
C LEU B 394 6.81 21.66 5.75
N VAL B 395 7.45 20.50 5.75
CA VAL B 395 8.26 20.07 6.90
C VAL B 395 9.51 20.94 7.01
N MET B 396 10.19 21.16 5.89
CA MET B 396 11.44 21.91 5.87
C MET B 396 11.24 23.31 5.29
N ASN B 397 11.39 24.31 6.14
CA ASN B 397 11.35 25.71 5.73
C ASN B 397 12.62 26.43 6.15
N VAL B 398 13.52 26.62 5.20
CA VAL B 398 14.79 27.28 5.45
C VAL B 398 14.83 28.60 4.70
N TYR B 399 15.08 29.69 5.42
CA TYR B 399 15.28 30.98 4.78
C TYR B 399 16.77 31.30 4.71
N ARG B 400 17.27 31.46 3.49
CA ARG B 400 18.68 31.79 3.29
C ARG B 400 18.86 32.87 2.24
N ASP B 401 19.32 34.03 2.70
CA ASP B 401 19.78 35.11 1.85
C ASP B 401 18.78 35.51 0.76
N GLY B 402 17.55 35.76 1.18
CA GLY B 402 16.54 36.31 0.29
C GLY B 402 15.52 35.31 -0.25
N ALA B 403 15.72 34.03 0.00
CA ALA B 403 14.84 33.00 -0.55
C ALA B 403 14.43 31.96 0.48
N TRP B 404 13.17 31.51 0.38
CA TRP B 404 12.68 30.37 1.15
C TRP B 404 12.93 29.09 0.38
N GLY B 405 13.29 28.02 1.09
CA GLY B 405 13.58 26.75 0.45
C GLY B 405 13.92 25.65 1.43
N ALA B 406 14.78 24.73 0.99
CA ALA B 406 15.20 23.60 1.82
C ALA B 406 16.43 22.92 1.22
N PHE B 407 17.10 22.11 2.02
CA PHE B 407 18.27 21.37 1.55
C PHE B 407 17.86 20.09 0.82
N ARG B 408 18.35 19.93 -0.41
CA ARG B 408 18.04 18.78 -1.24
C ARG B 408 19.32 18.10 -1.74
N HIS B 409 19.24 16.79 -1.95
CA HIS B 409 20.37 16.03 -2.49
C HIS B 409 20.31 15.96 -4.01
N PHE B 410 21.45 16.16 -4.66
CA PHE B 410 21.55 16.07 -6.12
C PHE B 410 22.73 15.21 -6.51
N LEU B 411 22.54 14.38 -7.54
CA LEU B 411 23.61 13.51 -8.00
C LEU B 411 24.82 14.32 -8.44
N LEU B 412 25.96 14.01 -7.83
CA LEU B 412 27.21 14.67 -8.13
C LEU B 412 27.64 14.39 -9.57
N GLU B 413 27.69 15.43 -10.39
CA GLU B 413 28.19 15.31 -11.76
C GLU B 413 29.70 15.48 -11.75
N GLU B 414 30.41 14.58 -12.44
CA GLU B 414 31.86 14.51 -12.36
C GLU B 414 32.52 14.52 -13.73
N ASP B 415 33.84 14.75 -13.75
CA ASP B 415 34.60 14.77 -14.98
C ASP B 415 34.98 13.35 -15.40
N SER B 419 45.51 16.61 -9.77
CA SER B 419 44.14 16.68 -9.25
C SER B 419 43.96 15.77 -8.05
N LYS B 420 44.91 14.85 -7.85
CA LYS B 420 44.86 13.94 -6.71
C LYS B 420 45.41 14.61 -5.45
N THR B 421 44.78 14.33 -4.31
CA THR B 421 45.18 14.95 -3.05
C THR B 421 46.65 14.68 -2.72
N GLY B 422 47.44 15.74 -2.67
CA GLY B 422 48.84 15.67 -2.28
C GLY B 422 49.18 16.74 -1.26
N CYS B 423 49.88 16.37 -0.20
CA CYS B 423 50.15 17.27 0.92
C CYS B 423 51.67 17.52 1.12
N PRO B 424 52.04 18.78 1.41
CA PRO B 424 53.45 19.09 1.65
C PRO B 424 53.98 18.55 2.98
N ALA B 425 55.29 18.41 3.09
CA ALA B 425 55.93 17.73 4.21
C ALA B 425 56.02 18.57 5.48
N HIS B 426 56.00 19.90 5.34
CA HIS B 426 56.28 20.77 6.47
C HIS B 426 55.03 21.17 7.27
N LYS B 427 53.85 20.95 6.71
CA LYS B 427 52.60 21.34 7.38
C LYS B 427 52.11 20.27 8.36
N SER B 428 51.42 20.71 9.39
CA SER B 428 50.82 19.81 10.38
C SER B 428 49.35 19.53 10.03
N TYR B 429 48.88 18.35 10.41
CA TYR B 429 47.52 17.94 10.12
C TYR B 429 46.89 17.32 11.36
N ILE B 430 45.71 17.83 11.70
CA ILE B 430 45.02 17.46 12.93
C ILE B 430 43.81 16.59 12.63
N ILE B 431 43.69 15.49 13.37
CA ILE B 431 42.49 14.66 13.32
C ILE B 431 41.91 14.51 14.71
N ALA B 432 40.75 15.12 14.95
CA ALA B 432 40.04 14.93 16.20
C ALA B 432 39.32 13.58 16.14
N GLY B 433 39.59 12.72 17.12
CA GLY B 433 39.08 11.37 17.10
C GLY B 433 39.89 10.49 16.16
N GLY B 434 41.17 10.82 16.01
CA GLY B 434 42.03 10.17 15.04
C GLY B 434 42.55 8.79 15.45
N LEU B 435 42.21 8.35 16.65
CA LEU B 435 42.60 7.02 17.13
C LEU B 435 41.46 6.02 16.95
N GLY B 436 40.31 6.52 16.51
CA GLY B 436 39.17 5.67 16.20
C GLY B 436 39.38 4.88 14.93
N GLY B 437 38.37 4.10 14.56
CA GLY B 437 38.44 3.25 13.39
C GLY B 437 38.74 4.03 12.12
N PHE B 438 37.89 4.99 11.81
CA PHE B 438 38.05 5.80 10.61
C PHE B 438 39.28 6.70 10.71
N GLY B 439 39.52 7.22 11.91
CA GLY B 439 40.61 8.14 12.16
C GLY B 439 41.97 7.56 11.81
N LEU B 440 42.23 6.34 12.28
CA LEU B 440 43.48 5.67 11.99
C LEU B 440 43.67 5.42 10.48
N GLU B 441 42.60 4.98 9.81
CA GLU B 441 42.67 4.75 8.37
C GLU B 441 42.92 6.06 7.62
N LEU B 442 42.32 7.14 8.11
CA LEU B 442 42.52 8.45 7.51
C LEU B 442 43.96 8.92 7.68
N ALA B 443 44.54 8.64 8.84
CA ALA B 443 45.92 8.99 9.11
C ALA B 443 46.84 8.27 8.13
N GLN B 444 46.59 6.97 7.95
CA GLN B 444 47.33 6.16 6.98
C GLN B 444 47.26 6.77 5.59
N TRP B 445 46.05 7.08 5.14
CA TRP B 445 45.83 7.63 3.81
C TRP B 445 46.55 8.98 3.63
N LEU B 446 46.43 9.84 4.64
CA LEU B 446 47.10 11.14 4.60
C LEU B 446 48.62 10.97 4.45
N ILE B 447 49.19 10.13 5.31
CA ILE B 447 50.63 9.86 5.27
C ILE B 447 51.06 9.40 3.89
N GLN B 448 50.24 8.56 3.27
CA GLN B 448 50.54 8.05 1.94
C GLN B 448 50.44 9.14 0.89
N ARG B 449 49.74 10.22 1.21
CA ARG B 449 49.62 11.35 0.29
C ARG B 449 50.58 12.49 0.65
N GLY B 450 51.50 12.24 1.57
CA GLY B 450 52.58 13.16 1.84
C GLY B 450 52.70 13.66 3.28
N VAL B 451 51.66 13.46 4.08
CA VAL B 451 51.67 14.01 5.43
C VAL B 451 52.81 13.39 6.26
N GLN B 452 53.63 14.25 6.87
CA GLN B 452 54.72 13.80 7.73
C GLN B 452 54.59 14.35 9.15
N LYS B 453 53.51 15.10 9.40
CA LYS B 453 53.24 15.65 10.73
C LYS B 453 51.77 15.48 11.10
N LEU B 454 51.50 14.65 12.10
CA LEU B 454 50.13 14.36 12.54
C LEU B 454 49.93 14.66 14.01
N VAL B 455 48.77 15.24 14.32
CA VAL B 455 48.31 15.36 15.70
C VAL B 455 46.93 14.71 15.81
N LEU B 456 46.86 13.63 16.57
CA LEU B 456 45.61 12.90 16.78
C LEU B 456 45.11 13.18 18.18
N THR B 457 43.88 13.66 18.31
CA THR B 457 43.34 14.02 19.62
C THR B 457 42.44 12.91 20.16
N SER B 458 42.38 12.82 21.49
CA SER B 458 41.63 11.78 22.17
C SER B 458 41.52 12.09 23.66
N ARG B 459 40.31 12.03 24.19
CA ARG B 459 40.09 12.33 25.59
C ARG B 459 40.87 11.39 26.51
N SER B 460 41.15 10.18 26.01
CA SER B 460 41.77 9.14 26.82
C SER B 460 43.21 8.84 26.42
N GLY B 461 43.54 9.09 25.15
CA GLY B 461 44.84 8.74 24.62
C GLY B 461 44.86 7.30 24.13
N ILE B 462 46.04 6.82 23.74
CA ILE B 462 46.16 5.45 23.23
C ILE B 462 45.65 4.45 24.27
N ARG B 463 44.67 3.65 23.87
CA ARG B 463 44.05 2.67 24.76
C ARG B 463 44.32 1.23 24.33
N THR B 464 44.63 1.02 23.05
CA THR B 464 44.78 -0.33 22.51
C THR B 464 46.15 -0.59 21.85
N GLY B 465 46.54 -1.85 21.82
CA GLY B 465 47.76 -2.27 21.17
C GLY B 465 47.70 -2.01 19.67
N TYR B 466 46.50 -2.10 19.11
CA TYR B 466 46.28 -1.81 17.70
C TYR B 466 46.66 -0.36 17.39
N GLN B 467 46.13 0.55 18.20
CA GLN B 467 46.47 1.96 18.09
C GLN B 467 47.98 2.20 18.19
N ALA B 468 48.59 1.57 19.19
CA ALA B 468 50.02 1.73 19.44
C ALA B 468 50.86 1.23 18.26
N LYS B 469 50.46 0.10 17.70
CA LYS B 469 51.16 -0.48 16.55
C LYS B 469 51.15 0.47 15.37
N GLN B 470 50.00 1.06 15.08
CA GLN B 470 49.88 1.96 13.93
C GLN B 470 50.74 3.21 14.14
N VAL B 471 50.70 3.77 15.34
CA VAL B 471 51.47 4.96 15.65
C VAL B 471 52.97 4.67 15.52
N ARG B 472 53.37 3.48 15.98
CA ARG B 472 54.76 3.07 15.88
C ARG B 472 55.19 2.91 14.43
N ARG B 473 54.34 2.30 13.62
CA ARG B 473 54.61 2.13 12.19
C ARG B 473 54.85 3.47 11.51
N TRP B 474 53.99 4.44 11.82
CA TRP B 474 54.09 5.76 11.23
C TRP B 474 55.37 6.48 11.66
N ARG B 475 55.76 6.31 12.92
CA ARG B 475 57.01 6.91 13.40
C ARG B 475 58.22 6.23 12.77
N ARG B 476 58.10 4.93 12.48
CA ARG B 476 59.14 4.21 11.77
C ARG B 476 59.36 4.81 10.39
N GLN B 477 58.27 5.25 9.76
CA GLN B 477 58.34 5.90 8.45
C GLN B 477 58.95 7.29 8.52
N GLY B 478 59.19 7.79 9.73
CA GLY B 478 59.71 9.14 9.92
C GLY B 478 58.62 10.15 10.23
N VAL B 479 57.36 9.73 10.14
CA VAL B 479 56.25 10.64 10.43
C VAL B 479 56.31 11.08 11.89
N GLN B 480 56.27 12.40 12.12
CA GLN B 480 56.06 12.93 13.46
C GLN B 480 54.58 12.77 13.85
N VAL B 481 54.33 11.99 14.88
CA VAL B 481 52.96 11.72 15.35
C VAL B 481 52.82 12.06 16.83
N GLN B 482 51.86 12.93 17.14
CA GLN B 482 51.57 13.31 18.52
C GLN B 482 50.16 12.90 18.92
N VAL B 483 50.05 12.24 20.07
CA VAL B 483 48.76 11.91 20.65
C VAL B 483 48.43 12.96 21.72
N SER B 484 47.33 13.68 21.51
CA SER B 484 46.96 14.79 22.39
C SER B 484 45.63 14.53 23.08
N THR B 485 45.45 15.18 24.23
CA THR B 485 44.18 15.12 24.96
C THR B 485 43.50 16.48 24.99
N SER B 486 44.01 17.41 24.17
CA SER B 486 43.37 18.72 24.06
C SER B 486 41.95 18.54 23.54
N ASN B 487 40.97 18.96 24.34
CA ASN B 487 39.57 18.76 24.00
C ASN B 487 38.99 19.95 23.22
N ILE B 488 38.62 19.69 21.97
CA ILE B 488 38.09 20.74 21.11
C ILE B 488 36.71 21.24 21.55
N SER B 489 36.04 20.47 22.40
CA SER B 489 34.71 20.85 22.87
C SER B 489 34.75 22.15 23.66
N SER B 490 35.96 22.53 24.08
CA SER B 490 36.20 23.80 24.75
C SER B 490 37.08 24.69 23.87
N LEU B 491 36.87 25.99 23.94
CA LEU B 491 37.66 26.94 23.16
C LEU B 491 39.12 26.92 23.62
N GLU B 492 39.34 26.78 24.92
CA GLU B 492 40.68 26.72 25.47
C GLU B 492 41.42 25.49 24.93
N GLY B 493 40.76 24.34 24.96
CA GLY B 493 41.34 23.11 24.45
C GLY B 493 41.61 23.20 22.96
N ALA B 494 40.72 23.84 22.22
CA ALA B 494 40.92 24.01 20.78
C ALA B 494 42.16 24.85 20.50
N ARG B 495 42.30 25.95 21.21
CA ARG B 495 43.47 26.82 21.06
C ARG B 495 44.75 26.06 21.42
N GLY B 496 44.68 25.27 22.49
CA GLY B 496 45.82 24.47 22.91
C GLY B 496 46.21 23.46 21.86
N LEU B 497 45.21 22.84 21.24
CA LEU B 497 45.43 21.85 20.20
C LEU B 497 46.16 22.45 19.00
N ILE B 498 45.69 23.61 18.56
CA ILE B 498 46.28 24.28 17.41
C ILE B 498 47.71 24.71 17.74
N ALA B 499 47.94 25.12 18.98
CA ALA B 499 49.27 25.48 19.43
C ALA B 499 50.23 24.29 19.34
N GLU B 500 49.80 23.15 19.87
CA GLU B 500 50.59 21.92 19.80
C GLU B 500 50.95 21.58 18.36
N ALA B 501 49.94 21.53 17.49
CA ALA B 501 50.17 21.24 16.08
C ALA B 501 51.13 22.24 15.46
N ALA B 502 51.03 23.50 15.90
CA ALA B 502 51.87 24.56 15.37
C ALA B 502 53.33 24.36 15.77
N GLN B 503 53.57 23.66 16.88
CA GLN B 503 54.94 23.36 17.30
C GLN B 503 55.62 22.47 16.24
N LEU B 504 54.85 21.54 15.69
CA LEU B 504 55.35 20.68 14.62
C LEU B 504 55.52 21.49 13.34
N GLY B 505 54.47 22.20 12.95
CA GLY B 505 54.52 23.01 11.75
C GLY B 505 53.20 23.71 11.48
N PRO B 506 53.18 24.58 10.45
CA PRO B 506 51.95 25.30 10.12
C PRO B 506 50.78 24.35 9.87
N VAL B 507 49.70 24.53 10.63
CA VAL B 507 48.48 23.76 10.46
C VAL B 507 47.99 23.81 9.02
N GLY B 508 48.10 22.68 8.32
CA GLY B 508 47.64 22.57 6.95
C GLY B 508 46.24 21.99 6.84
N GLY B 509 45.85 21.18 7.81
CA GLY B 509 44.54 20.56 7.76
C GLY B 509 43.92 20.25 9.11
N VAL B 510 42.59 20.26 9.15
CA VAL B 510 41.83 19.87 10.33
C VAL B 510 40.70 18.92 9.93
N PHE B 511 40.58 17.82 10.66
CA PHE B 511 39.57 16.79 10.41
C PHE B 511 38.88 16.45 11.71
N ASN B 512 37.58 16.74 11.79
CA ASN B 512 36.81 16.40 12.98
C ASN B 512 36.08 15.08 12.84
N LEU B 513 36.66 14.04 13.44
CA LEU B 513 36.06 12.71 13.48
C LEU B 513 35.62 12.35 14.90
N ALA B 514 35.72 13.31 15.82
CA ALA B 514 35.30 13.08 17.19
C ALA B 514 33.80 12.81 17.25
N VAL B 515 33.41 11.78 18.01
CA VAL B 515 32.00 11.46 18.17
C VAL B 515 31.71 10.84 19.54
N VAL B 516 30.57 11.22 20.09
CA VAL B 516 30.03 10.59 21.30
C VAL B 516 28.57 10.22 21.02
N LEU B 517 28.22 8.97 21.26
CA LEU B 517 26.87 8.49 21.01
C LEU B 517 26.05 8.42 22.29
N ARG B 518 24.80 8.85 22.19
CA ARG B 518 23.81 8.69 23.24
C ARG B 518 22.48 8.38 22.57
N ASP B 519 22.35 7.13 22.11
CA ASP B 519 21.20 6.72 21.32
C ASP B 519 19.97 6.50 22.20
N GLY B 520 18.80 6.64 21.59
CA GLY B 520 17.54 6.46 22.28
C GLY B 520 16.48 7.37 21.71
N LEU B 521 15.23 6.93 21.75
CA LEU B 521 14.12 7.75 21.30
C LEU B 521 14.04 9.01 22.16
N LEU B 522 13.44 10.06 21.61
CA LEU B 522 13.36 11.34 22.29
C LEU B 522 12.78 11.19 23.69
N GLU B 523 11.81 10.29 23.83
CA GLU B 523 11.17 10.03 25.12
C GLU B 523 12.20 9.62 26.19
N ASN B 524 13.29 9.00 25.75
CA ASN B 524 14.34 8.55 26.65
C ASN B 524 15.54 9.50 26.68
N GLN B 525 15.45 10.60 25.92
CA GLN B 525 16.53 11.57 25.86
C GLN B 525 16.45 12.63 26.96
N THR B 526 17.55 13.33 27.18
CA THR B 526 17.61 14.44 28.12
C THR B 526 18.42 15.58 27.51
N PRO B 527 18.29 16.79 28.08
CA PRO B 527 19.15 17.90 27.65
C PRO B 527 20.63 17.57 27.84
N GLU B 528 20.94 16.83 28.90
CA GLU B 528 22.30 16.44 29.21
C GLU B 528 22.88 15.53 28.13
N PHE B 529 22.08 14.57 27.68
CA PHE B 529 22.50 13.66 26.61
C PHE B 529 22.77 14.43 25.33
N PHE B 530 21.88 15.36 25.00
CA PHE B 530 22.05 16.21 23.82
C PHE B 530 23.38 16.98 23.88
N GLN B 531 23.70 17.49 25.06
CA GLN B 531 24.94 18.24 25.25
C GLN B 531 26.17 17.35 25.06
N ASP B 532 26.09 16.11 25.55
CA ASP B 532 27.19 15.16 25.40
C ASP B 532 27.47 14.88 23.93
N VAL B 533 26.41 14.74 23.14
CA VAL B 533 26.54 14.42 21.73
C VAL B 533 27.03 15.62 20.93
N CYS B 534 26.61 16.82 21.35
CA CYS B 534 26.93 18.04 20.61
C CYS B 534 28.31 18.60 20.96
N LYS B 535 28.89 18.16 22.07
CA LYS B 535 30.20 18.67 22.51
C LYS B 535 31.31 18.49 21.47
N PRO B 536 31.55 17.25 21.02
CA PRO B 536 32.64 17.02 20.07
C PRO B 536 32.30 17.45 18.65
N LYS B 537 31.01 17.54 18.32
CA LYS B 537 30.57 17.87 16.98
C LYS B 537 30.25 19.36 16.84
N TYR B 538 29.24 19.82 17.56
CA TYR B 538 28.77 21.19 17.44
C TYR B 538 29.77 22.18 18.04
N SER B 539 30.03 22.03 19.34
CA SER B 539 30.96 22.92 20.02
C SER B 539 32.38 22.76 19.47
N GLY B 540 32.76 21.52 19.19
CA GLY B 540 34.07 21.23 18.64
C GLY B 540 34.33 21.96 17.34
N THR B 541 33.36 21.89 16.43
CA THR B 541 33.53 22.51 15.12
C THR B 541 33.38 24.03 15.22
N LEU B 542 32.53 24.50 16.12
CA LEU B 542 32.44 25.92 16.42
C LEU B 542 33.81 26.47 16.84
N ASN B 543 34.46 25.76 17.75
CA ASN B 543 35.74 26.21 18.28
C ASN B 543 36.88 26.07 17.27
N LEU B 544 36.86 24.98 16.49
CA LEU B 544 37.86 24.79 15.45
C LEU B 544 37.70 25.82 14.35
N ASP B 545 36.46 26.23 14.07
CA ASP B 545 36.21 27.27 13.08
C ASP B 545 36.85 28.58 13.50
N ARG B 546 36.58 28.99 14.73
CA ARG B 546 37.09 30.25 15.25
C ARG B 546 38.61 30.28 15.34
N VAL B 547 39.19 29.26 15.96
CA VAL B 547 40.63 29.26 16.21
C VAL B 547 41.44 29.24 14.91
N THR B 548 41.03 28.42 13.94
CA THR B 548 41.76 28.34 12.68
C THR B 548 41.52 29.59 11.84
N ARG B 549 40.35 30.20 11.99
CA ARG B 549 40.08 31.49 11.37
C ARG B 549 41.04 32.55 11.91
N GLU B 550 41.40 32.42 13.18
CA GLU B 550 42.22 33.43 13.85
C GLU B 550 43.73 33.18 13.75
N ALA B 551 44.13 31.94 13.54
CA ALA B 551 45.53 31.55 13.75
C ALA B 551 46.11 30.58 12.73
N CYS B 552 45.37 30.25 11.67
CA CYS B 552 45.82 29.26 10.70
C CYS B 552 45.68 29.74 9.26
N PRO B 553 46.57 30.66 8.83
CA PRO B 553 46.51 31.20 7.47
C PRO B 553 46.91 30.21 6.37
N GLU B 554 47.56 29.12 6.74
CA GLU B 554 48.02 28.14 5.76
C GLU B 554 47.12 26.91 5.72
N LEU B 555 46.02 26.95 6.46
CA LEU B 555 45.05 25.86 6.46
C LEU B 555 44.53 25.60 5.06
N ASP B 556 44.66 24.36 4.59
CA ASP B 556 44.14 23.95 3.29
C ASP B 556 42.85 23.14 3.43
N TYR B 557 42.71 22.44 4.55
CA TYR B 557 41.54 21.56 4.76
C TYR B 557 40.83 21.83 6.08
N PHE B 558 39.52 21.95 6.00
CA PHE B 558 38.64 21.97 7.17
C PHE B 558 37.50 21.01 6.89
N VAL B 559 37.56 19.82 7.49
CA VAL B 559 36.65 18.74 7.13
C VAL B 559 35.98 18.12 8.36
N VAL B 560 34.67 17.96 8.28
CA VAL B 560 33.91 17.24 9.29
C VAL B 560 33.25 16.03 8.66
N PHE B 561 33.19 14.93 9.41
CA PHE B 561 32.49 13.73 8.97
C PHE B 561 31.08 13.71 9.55
N SER B 562 30.09 13.96 8.69
CA SER B 562 28.69 13.91 9.06
C SER B 562 28.11 12.54 8.71
N SER B 563 26.79 12.40 8.77
CA SER B 563 26.14 11.11 8.63
C SER B 563 24.81 11.16 7.87
N VAL B 564 24.43 10.01 7.33
CA VAL B 564 23.12 9.85 6.72
C VAL B 564 22.01 10.00 7.77
N SER B 565 22.37 9.82 9.03
CA SER B 565 21.44 10.02 10.12
C SER B 565 20.94 11.46 10.09
N CYS B 566 21.86 12.38 9.81
CA CYS B 566 21.52 13.79 9.67
C CYS B 566 20.87 14.08 8.32
N GLY B 567 21.51 13.62 7.25
CA GLY B 567 21.07 13.93 5.90
C GLY B 567 19.76 13.25 5.51
N ARG B 568 19.51 12.09 6.08
CA ARG B 568 18.34 11.29 5.72
C ARG B 568 17.40 11.11 6.91
N GLY B 569 17.97 10.79 8.08
CA GLY B 569 17.18 10.55 9.27
C GLY B 569 17.41 9.16 9.83
N ASN B 570 17.44 9.05 11.15
CA ASN B 570 17.54 7.76 11.80
C ASN B 570 16.94 7.80 13.21
N ALA B 571 15.80 7.15 13.37
CA ALA B 571 15.11 7.09 14.66
C ALA B 571 16.04 6.67 15.78
N GLY B 572 15.98 7.38 16.90
CA GLY B 572 16.81 7.08 18.05
C GLY B 572 18.18 7.74 18.00
N GLN B 573 18.34 8.70 17.08
CA GLN B 573 19.60 9.42 16.97
C GLN B 573 19.37 10.90 16.66
N SER B 574 18.31 11.46 17.22
CA SER B 574 17.95 12.85 16.91
C SER B 574 18.99 13.84 17.41
N ASN B 575 19.61 13.55 18.56
CA ASN B 575 20.68 14.41 19.06
C ASN B 575 21.91 14.34 18.16
N TYR B 576 22.18 13.14 17.64
CA TYR B 576 23.30 12.90 16.73
C TYR B 576 23.02 13.53 15.36
N GLY B 577 21.74 13.69 15.05
CA GLY B 577 21.33 14.33 13.82
C GLY B 577 21.45 15.84 13.95
N PHE B 578 21.08 16.35 15.11
CA PHE B 578 21.24 17.77 15.43
C PHE B 578 22.70 18.20 15.35
N ALA B 579 23.57 17.47 16.04
CA ALA B 579 24.99 17.81 16.11
C ALA B 579 25.62 17.89 14.72
N ASN B 580 25.44 16.84 13.92
CA ASN B 580 25.98 16.79 12.57
C ASN B 580 25.42 17.88 11.68
N SER B 581 24.11 18.10 11.78
CA SER B 581 23.45 19.11 10.97
C SER B 581 24.03 20.49 11.26
N ALA B 582 24.35 20.75 12.51
CA ALA B 582 24.93 22.02 12.92
C ALA B 582 26.33 22.20 12.33
N MET B 583 27.13 21.13 12.36
CA MET B 583 28.46 21.16 11.73
C MET B 583 28.35 21.56 10.27
N GLU B 584 27.34 21.04 9.59
CA GLU B 584 27.17 21.32 8.17
C GLU B 584 26.90 22.80 7.92
N ARG B 585 26.06 23.40 8.77
CA ARG B 585 25.75 24.82 8.65
C ARG B 585 27.03 25.65 8.79
N ILE B 586 27.88 25.23 9.72
CA ILE B 586 29.15 25.93 9.96
C ILE B 586 30.04 25.84 8.72
N CYS B 587 30.14 24.66 8.14
CA CYS B 587 30.99 24.45 6.97
C CYS B 587 30.51 25.27 5.78
N GLU B 588 29.19 25.42 5.68
CA GLU B 588 28.58 26.18 4.60
C GLU B 588 28.94 27.66 4.70
N LYS B 589 28.87 28.21 5.91
CA LYS B 589 29.27 29.59 6.15
C LYS B 589 30.73 29.81 5.72
N ARG B 590 31.59 28.85 6.07
CA ARG B 590 33.00 28.92 5.73
C ARG B 590 33.23 28.93 4.22
N ARG B 591 32.60 28.00 3.50
CA ARG B 591 32.81 27.90 2.06
C ARG B 591 32.27 29.13 1.35
N HIS B 592 31.13 29.62 1.80
CA HIS B 592 30.51 30.79 1.19
C HIS B 592 31.47 31.98 1.25
N GLU B 593 32.26 32.06 2.31
CA GLU B 593 33.21 33.15 2.47
C GLU B 593 34.53 32.88 1.74
N GLY B 594 34.67 31.70 1.16
CA GLY B 594 35.85 31.35 0.38
C GLY B 594 36.91 30.67 1.24
N LEU B 595 36.52 30.23 2.42
CA LEU B 595 37.40 29.48 3.31
C LEU B 595 37.24 27.98 3.05
N PRO B 596 38.27 27.18 3.35
CA PRO B 596 38.07 25.74 3.22
C PRO B 596 36.95 25.25 4.13
N GLY B 597 36.02 24.47 3.58
CA GLY B 597 34.92 23.93 4.37
C GLY B 597 34.26 22.75 3.68
N LEU B 598 34.12 21.65 4.41
CA LEU B 598 33.51 20.45 3.83
C LEU B 598 32.95 19.51 4.90
N ALA B 599 31.67 19.20 4.77
CA ALA B 599 31.05 18.14 5.56
C ALA B 599 30.76 16.97 4.64
N VAL B 600 31.05 15.76 5.11
CA VAL B 600 30.84 14.55 4.33
C VAL B 600 29.81 13.65 5.01
N GLN B 601 28.62 13.60 4.45
CA GLN B 601 27.59 12.70 4.97
C GLN B 601 27.89 11.25 4.61
N TRP B 602 28.50 10.53 5.53
CA TRP B 602 28.82 9.12 5.30
C TRP B 602 27.64 8.21 5.63
N GLY B 603 27.48 7.15 4.84
CA GLY B 603 26.63 6.04 5.21
C GLY B 603 27.47 5.07 6.04
N ALA B 604 26.95 3.87 6.29
CA ALA B 604 27.67 2.87 7.06
C ALA B 604 29.09 2.65 6.53
N ILE B 605 30.06 2.62 7.44
CA ILE B 605 31.46 2.39 7.09
C ILE B 605 31.86 0.94 7.39
N GLY B 606 32.57 0.32 6.45
CA GLY B 606 33.02 -1.05 6.60
C GLY B 606 34.42 -1.13 7.18
N ASP B 607 34.85 -2.35 7.49
CA ASP B 607 36.20 -2.64 8.00
C ASP B 607 36.46 -2.15 9.43
N VAL B 608 36.23 -0.86 9.69
CA VAL B 608 36.53 -0.26 10.99
C VAL B 608 35.41 0.66 11.48
N GLY B 609 35.48 1.05 12.75
CA GLY B 609 34.61 2.05 13.31
C GLY B 609 33.51 1.55 14.22
N ILE B 610 32.57 2.44 14.55
CA ILE B 610 31.40 2.11 15.35
C ILE B 610 30.75 0.85 14.80
N LEU B 611 30.43 0.88 13.52
CA LEU B 611 30.00 -0.32 12.81
C LEU B 611 31.24 -1.18 12.61
N VAL B 612 31.06 -2.50 12.77
CA VAL B 612 32.20 -3.41 12.89
C VAL B 612 32.97 -3.07 14.17
N GLU B 613 32.24 -2.59 15.18
CA GLU B 613 32.82 -2.36 16.50
C GLU B 613 33.47 -3.62 17.05
N THR B 620 26.19 -8.26 6.06
CA THR B 620 25.70 -7.18 6.91
C THR B 620 25.07 -6.05 6.08
N ILE B 621 23.74 -5.98 6.13
CA ILE B 621 22.99 -4.92 5.45
C ILE B 621 22.38 -3.98 6.48
N VAL B 622 22.43 -2.68 6.19
CA VAL B 622 21.99 -1.65 7.13
C VAL B 622 20.92 -0.76 6.49
N SER B 623 19.65 -1.04 6.78
CA SER B 623 18.54 -0.28 6.23
C SER B 623 18.60 -0.17 4.72
N GLY B 624 18.87 -1.29 4.05
CA GLY B 624 18.89 -1.32 2.60
C GLY B 624 20.23 -0.92 1.99
N THR B 625 21.15 -0.43 2.81
CA THR B 625 22.47 -0.02 2.32
C THR B 625 23.54 -0.99 2.82
N LEU B 626 24.74 -0.88 2.23
CA LEU B 626 25.86 -1.73 2.59
C LEU B 626 26.98 -0.92 3.25
N PRO B 627 27.70 -1.50 4.22
CA PRO B 627 28.87 -0.82 4.76
C PRO B 627 29.93 -0.56 3.70
N GLN B 628 30.22 0.71 3.45
CA GLN B 628 31.17 1.09 2.41
C GLN B 628 32.60 0.70 2.83
N ARG B 629 33.22 -0.20 2.06
CA ARG B 629 34.60 -0.60 2.30
C ARG B 629 35.54 0.61 2.33
N MET B 630 36.60 0.51 3.13
CA MET B 630 37.49 1.64 3.36
C MET B 630 38.20 2.10 2.09
N ALA B 631 38.52 1.16 1.20
CA ALA B 631 39.14 1.50 -0.07
C ALA B 631 38.23 2.45 -0.86
N SER B 632 36.94 2.09 -0.92
CA SER B 632 35.95 2.93 -1.57
C SER B 632 35.85 4.27 -0.86
N CYS B 633 35.85 4.25 0.47
CA CYS B 633 35.72 5.47 1.26
C CYS B 633 36.83 6.47 0.95
N LEU B 634 38.07 5.99 0.97
CA LEU B 634 39.21 6.86 0.76
C LEU B 634 39.27 7.34 -0.70
N GLU B 635 38.90 6.47 -1.62
CA GLU B 635 38.83 6.84 -3.03
C GLU B 635 37.81 7.96 -3.22
N VAL B 636 36.66 7.84 -2.56
CA VAL B 636 35.61 8.85 -2.61
C VAL B 636 36.06 10.14 -1.94
N LEU B 637 36.77 10.02 -0.82
CA LEU B 637 37.23 11.18 -0.08
C LEU B 637 38.23 11.97 -0.90
N ASP B 638 39.04 11.27 -1.68
CA ASP B 638 40.01 11.93 -2.55
C ASP B 638 39.29 12.82 -3.55
N LEU B 639 38.19 12.32 -4.10
CA LEU B 639 37.35 13.09 -5.02
C LEU B 639 36.70 14.28 -4.30
N PHE B 640 36.12 14.01 -3.13
CA PHE B 640 35.38 15.03 -2.38
C PHE B 640 36.27 16.19 -1.96
N LEU B 641 37.47 15.89 -1.48
CA LEU B 641 38.40 16.92 -1.03
C LEU B 641 38.81 17.84 -2.17
N ASN B 642 38.58 17.39 -3.40
CA ASN B 642 38.90 18.18 -4.58
C ASN B 642 37.63 18.65 -5.29
N GLN B 643 36.62 19.02 -4.50
CA GLN B 643 35.38 19.57 -5.02
C GLN B 643 35.09 20.92 -4.33
N PRO B 644 34.31 21.79 -5.01
CA PRO B 644 33.96 23.10 -4.44
C PRO B 644 32.74 23.06 -3.51
N HIS B 645 31.96 21.99 -3.55
CA HIS B 645 30.70 21.93 -2.83
C HIS B 645 30.88 21.94 -1.31
N MET B 646 29.82 22.33 -0.61
CA MET B 646 29.87 22.53 0.83
C MET B 646 29.63 21.24 1.60
N VAL B 647 28.72 20.41 1.09
CA VAL B 647 28.31 19.19 1.77
C VAL B 647 28.11 18.07 0.74
N LEU B 648 28.78 16.95 0.96
CA LEU B 648 28.73 15.83 0.03
C LEU B 648 28.33 14.55 0.76
N SER B 649 27.75 13.62 0.00
CA SER B 649 27.16 12.41 0.55
C SER B 649 27.70 11.19 -0.17
N SER B 650 27.98 10.14 0.60
CA SER B 650 28.42 8.87 0.03
C SER B 650 27.79 7.71 0.79
N PHE B 651 27.19 6.79 0.05
CA PHE B 651 26.65 5.56 0.62
C PHE B 651 26.50 4.51 -0.48
N VAL B 652 26.43 3.25 -0.08
CA VAL B 652 26.31 2.13 -1.02
C VAL B 652 24.97 1.43 -0.88
N LEU B 653 24.23 1.35 -1.98
CA LEU B 653 22.92 0.71 -1.98
C LEU B 653 23.06 -0.80 -2.16
N ALA B 654 22.22 -1.56 -1.45
CA ALA B 654 22.25 -3.02 -1.55
C ALA B 654 21.53 -3.49 -2.82
N GLU B 655 21.82 -4.71 -3.22
CA GLU B 655 21.27 -5.27 -4.46
C GLU B 655 19.73 -5.33 -4.45
N LYS B 656 19.13 -5.19 -3.27
CA LYS B 656 17.69 -5.20 -3.15
C LYS B 656 17.06 -4.04 -3.94
#